data_9DHD
#
_entry.id   9DHD
#
loop_
_entity.id
_entity.type
_entity.pdbx_description
1 polymer 'DNA damage-binding protein 1'
2 polymer 'DET1 homolog'
3 polymer 'DET1- and DDB1-associated protein 1'
#
loop_
_entity_poly.entity_id
_entity_poly.type
_entity_poly.pdbx_seq_one_letter_code
_entity_poly.pdbx_strand_id
1 'polypeptide(L)'
;MHHHHHHHHGENLYFQSYNYVVTAQKPTAVNGCVTGHFTSAEDLNLLIAKNTRLEIYVVTAEGLRPVKEVGMYGKIAVME
LFRPKGESKDLLFILTAKYNACILEYKQSGESIDIITRAHGNVQDRIGRPSETGIIGIIDPECRMIGLRLYDGLFKVIPL
DRDNKELKAFNIRLEELHVIDVKFLYGCQAPTICFVYQDPQGRHVKTYEVSLREKEFNKGPWKQENVEAEASMVIAVPEP
FGGAIIIGQESITYHNGDKYLAIAPPIIKQSTIVCHNRVDPNGSRYLLGDMEGRLFMLLLEKEEQMDGTVTLKDLRVELL
GETSIAECLTYLDNGVVFVGSRLGDSQLVKLNVDSNEQGSYVVAMETFTNLGPIVDMCVVDLERQGQGQLVTCSGAFKEG
SLRIIRNGIGIHEHASIDLPGIKGLWPLRSDPNRETDDTLVLSFVGQTRVLMLNGEEVEETELMGFVDDQQTFFCGNVAH
QQLIQITSASVRLVSQEPKALVSEWKEPQAKNISVASCNSSQVVVAVGRALYYLQIHPQELRQISHTEMEHEVACLDITP
LGDSNGLSPLCAIGLWTDISARILKLPSFELLHKEMLGGEIIPRSILMTTFESSHYLLCALGDGALFYFGLNIETGLLSD
RKKVTLGTQPTVLRTFRSLSTTNVFACSDRPTVIYSSNHKLVFSNVNLKEVNYMCPLNSDGYPDSLALANNSTLTIGTID
EIQKLHIRTVPLYESPRKICYQEVSQCFGVLSSRIEVQDTSGGTTALRPSASTQALSSSVSSSKLFSSSTAPHETSFGEE
VEVHNLLIIDQHTFEVLHAHQFLQNEYALSLVSCKLGKDPNTYFIVGTAMVYPEEAEPKQGRIVVFQYSDGKLQTVAEKE
VKGAVYSMVEFNGKLLASINSTVRLYEWTTEKELRTECNHYNNIMALYLKTKGDFILVGDLMRSVLLLAYKPMEGNFEEI
ARDFNPNWMSAVEILDDDNFLGAENAFNLFVCQKDSAATTDEERQHLQEVGLFHLGEFVNVFCHGSLVMQNLGETSTPTQ
GSVLFGTVNGMIGLVTSLSESWYNLLLDMQNRLNKVIKSVGKIEHSFWRSFHTERKTEPATGFIDGDLIESFLDISRPKM
QEVVANLQYDDGSGMKREATADDLIKVVEELTRIH
;
A
2 'polypeptide(L)'
;MDYKDDDDKGENLYFQGSRIQNQNVIHRLERRRISSGKAGTHWHQVRVFHQNVFPNFTVVNVEKPPCFLRKFSPDGRYFI
AFSSDQTSLEIYEYQGCQAAEDLLQGYEGEILSNGNDQRSVNIRGRLFERFFVLLHITNVAANGEHLNRECSLFTDDCRC
VIVGSAAYLPDEPHPPFFEVYRNSESVTPNPRSPLEDYSLHIIDLHTGRLCDTRTFKCDKVVLSHNQGLYLYKNILAILS
VQQQTIHVFQVTPEGTFIDVRTIGRFCYEDDLLTVSAVFPEVQRDSQTGMANPFRDPFINSLKHRLLVYLWRRAEQDGSA
MAKRRFFQYFDQLRQLRMWKMQLLDENHLFIKYTSEDVVTLRVTDPSQASFFVVYNMVTTEVIAVFENTSDELLELFENF
CDLFRNATLHSEVQFPCSASSNNFARQIQRRFKDTIINAKYGGHTEAVRRLLGQLPISAQSYSGSPYLDLSLFSYDDKWV
SVMERPKTCGDHPIRFYARDSGLLKFEIQAGLLGRPINHTVRRLVAFTFHPFEPFAISVQRTNAEYVVNFHMRHCCT
;
B
3 'polypeptide(L)'
;MADFLKGLPVYNKSNFSRFHADSVCKASNRRPSVYLPTREYPSEQIIVTEKTNILLRYLHQQWDKKNAAKKRDQEQVELE
GESSAPPRKVARTDSPDMHEDT
;
C
#
# COMPACT_ATOMS: atom_id res chain seq x y z
N GLN A 16 -14.03 7.27 -24.06
CA GLN A 16 -12.59 7.05 -24.24
C GLN A 16 -12.26 5.58 -24.04
N SER A 17 -12.20 5.16 -22.78
CA SER A 17 -12.01 3.76 -22.43
C SER A 17 -13.29 3.26 -21.77
N TYR A 18 -13.78 2.13 -22.24
CA TYR A 18 -15.01 1.54 -21.73
C TYR A 18 -14.67 0.12 -21.28
N ASN A 19 -14.49 -0.05 -19.97
CA ASN A 19 -14.04 -1.31 -19.40
C ASN A 19 -15.11 -1.86 -18.47
N TYR A 20 -15.05 -3.17 -18.26
CA TYR A 20 -16.02 -3.89 -17.44
C TYR A 20 -15.23 -4.90 -16.62
N VAL A 21 -15.23 -4.72 -15.32
CA VAL A 21 -14.44 -5.53 -14.39
C VAL A 21 -15.39 -6.40 -13.58
N VAL A 22 -15.11 -7.70 -13.53
CA VAL A 22 -15.94 -8.62 -12.78
C VAL A 22 -15.01 -9.57 -12.02
N THR A 23 -15.59 -10.33 -11.10
CA THR A 23 -14.86 -11.28 -10.28
C THR A 23 -15.18 -12.69 -10.73
N ALA A 24 -14.16 -13.46 -11.08
CA ALA A 24 -14.38 -14.88 -11.37
C ALA A 24 -14.30 -15.72 -10.10
N GLN A 25 -13.29 -15.47 -9.26
CA GLN A 25 -13.11 -16.17 -8.01
C GLN A 25 -13.02 -15.14 -6.89
N LYS A 26 -13.87 -15.30 -5.89
CA LYS A 26 -13.93 -14.36 -4.79
C LYS A 26 -12.70 -14.53 -3.92
N PRO A 27 -12.31 -13.50 -3.15
CA PRO A 27 -11.11 -13.62 -2.32
C PRO A 27 -11.23 -14.75 -1.32
N THR A 28 -10.13 -15.46 -1.09
CA THR A 28 -10.13 -16.62 -0.23
C THR A 28 -9.22 -16.52 0.98
N ALA A 29 -8.26 -15.59 0.99
CA ALA A 29 -7.32 -15.51 2.10
C ALA A 29 -8.02 -14.97 3.34
N VAL A 30 -7.92 -15.71 4.43
CA VAL A 30 -8.56 -15.31 5.69
C VAL A 30 -7.72 -14.21 6.34
N ASN A 31 -8.36 -13.09 6.62
CA ASN A 31 -7.70 -11.93 7.19
C ASN A 31 -7.93 -11.85 8.69
N GLY A 32 -9.15 -12.09 9.15
CA GLY A 32 -9.43 -12.10 10.57
C GLY A 32 -10.58 -13.03 10.86
N CYS A 33 -10.54 -13.63 12.05
CA CYS A 33 -11.57 -14.56 12.48
C CYS A 33 -11.96 -14.21 13.90
N VAL A 34 -13.27 -14.15 14.16
CA VAL A 34 -13.78 -13.86 15.49
C VAL A 34 -14.91 -14.82 15.78
N THR A 35 -15.25 -14.95 17.06
CA THR A 35 -16.33 -15.83 17.46
C THR A 35 -17.10 -15.19 18.60
N GLY A 36 -18.41 -15.44 18.62
CA GLY A 36 -19.26 -14.84 19.64
C GLY A 36 -20.69 -15.32 19.61
N HIS A 37 -21.62 -14.48 20.07
CA HIS A 37 -23.06 -14.78 20.02
C HIS A 37 -23.73 -13.66 19.24
N PHE A 38 -23.70 -13.78 17.91
CA PHE A 38 -24.10 -12.72 17.01
C PHE A 38 -25.53 -12.88 16.51
N THR A 39 -25.85 -14.04 15.95
CA THR A 39 -27.19 -14.27 15.41
C THR A 39 -28.26 -14.32 16.49
N SER A 40 -27.90 -14.73 17.71
CA SER A 40 -28.78 -14.59 18.85
C SER A 40 -27.93 -14.71 20.11
N ALA A 41 -28.59 -14.90 21.24
CA ALA A 41 -27.88 -15.13 22.49
C ALA A 41 -27.57 -16.61 22.72
N GLU A 42 -27.97 -17.49 21.81
CA GLU A 42 -27.77 -18.92 22.00
C GLU A 42 -26.91 -19.57 20.92
N ASP A 43 -26.69 -18.93 19.78
CA ASP A 43 -25.83 -19.51 18.77
C ASP A 43 -24.39 -19.06 18.98
N LEU A 44 -23.45 -19.97 18.77
CA LEU A 44 -22.03 -19.65 18.75
C LEU A 44 -21.61 -19.42 17.31
N ASN A 45 -21.32 -18.18 16.97
CA ASN A 45 -21.06 -17.77 15.59
C ASN A 45 -19.57 -17.63 15.37
N LEU A 46 -19.12 -18.06 14.19
CA LEU A 46 -17.79 -17.78 13.69
C LEU A 46 -17.92 -16.80 12.54
N LEU A 47 -17.24 -15.67 12.66
CA LEU A 47 -17.29 -14.61 11.65
C LEU A 47 -15.90 -14.48 11.03
N ILE A 48 -15.84 -14.59 9.72
CA ILE A 48 -14.56 -14.59 8.99
C ILE A 48 -14.55 -13.41 8.03
N ALA A 49 -13.43 -12.69 8.02
CA ALA A 49 -13.26 -11.54 7.13
C ALA A 49 -12.29 -11.94 6.01
N LYS A 50 -12.81 -12.11 4.81
CA LYS A 50 -11.99 -12.37 3.63
C LYS A 50 -11.97 -11.09 2.81
N ASN A 51 -11.06 -10.18 3.17
CA ASN A 51 -10.91 -8.89 2.52
C ASN A 51 -12.19 -8.07 2.58
N THR A 52 -12.97 -8.09 1.50
CA THR A 52 -14.22 -7.35 1.43
C THR A 52 -15.44 -8.18 1.85
N ARG A 53 -15.25 -9.44 2.22
CA ARG A 53 -16.36 -10.31 2.52
C ARG A 53 -16.40 -10.65 4.00
N LEU A 54 -17.61 -10.83 4.51
CA LEU A 54 -17.82 -11.20 5.91
C LEU A 54 -18.72 -12.42 5.93
N GLU A 55 -18.18 -13.56 6.31
CA GLU A 55 -18.94 -14.80 6.35
C GLU A 55 -19.36 -15.10 7.78
N ILE A 56 -20.59 -15.54 7.95
CA ILE A 56 -21.17 -15.82 9.26
C ILE A 56 -21.60 -17.28 9.25
N TYR A 57 -20.95 -18.09 10.10
CA TYR A 57 -21.28 -19.49 10.30
C TYR A 57 -21.82 -19.69 11.71
N VAL A 58 -22.69 -20.69 11.86
CA VAL A 58 -23.22 -21.10 13.16
C VAL A 58 -22.62 -22.45 13.50
N VAL A 59 -21.98 -22.52 14.67
CA VAL A 59 -21.38 -23.77 15.12
C VAL A 59 -22.49 -24.72 15.55
N THR A 60 -22.60 -25.84 14.87
CA THR A 60 -23.63 -26.84 15.21
C THR A 60 -23.01 -28.20 15.45
N ALA A 61 -23.85 -29.21 15.63
CA ALA A 61 -23.34 -30.56 15.85
C ALA A 61 -22.67 -31.12 14.61
N GLU A 62 -22.98 -30.59 13.44
CA GLU A 62 -22.40 -31.08 12.20
C GLU A 62 -21.18 -30.29 11.77
N GLY A 63 -20.72 -29.34 12.57
CA GLY A 63 -19.59 -28.50 12.22
C GLY A 63 -20.02 -27.05 12.04
N LEU A 64 -19.61 -26.46 10.92
CA LEU A 64 -19.95 -25.08 10.60
C LEU A 64 -21.09 -25.08 9.61
N ARG A 65 -22.19 -24.41 9.96
CA ARG A 65 -23.33 -24.28 9.08
C ARG A 65 -23.32 -22.88 8.49
N PRO A 66 -23.00 -22.71 7.21
CA PRO A 66 -22.88 -21.36 6.65
C PRO A 66 -24.23 -20.66 6.64
N VAL A 67 -24.34 -19.60 7.43
CA VAL A 67 -25.59 -18.90 7.61
C VAL A 67 -25.72 -17.70 6.68
N LYS A 68 -24.67 -16.89 6.55
CA LYS A 68 -24.79 -15.73 5.67
C LYS A 68 -23.43 -15.31 5.15
N GLU A 69 -23.46 -14.50 4.09
CA GLU A 69 -22.25 -13.90 3.52
C GLU A 69 -22.58 -12.48 3.11
N VAL A 70 -21.81 -11.53 3.60
CA VAL A 70 -22.09 -10.11 3.41
C VAL A 70 -20.93 -9.50 2.65
N GLY A 71 -21.23 -8.88 1.50
CA GLY A 71 -20.23 -8.10 0.78
C GLY A 71 -20.25 -6.68 1.29
N MET A 72 -19.06 -6.16 1.59
CA MET A 72 -18.93 -4.81 2.12
C MET A 72 -18.20 -3.94 1.12
N TYR A 73 -18.46 -2.63 1.19
CA TYR A 73 -17.81 -1.66 0.31
C TYR A 73 -16.56 -1.11 0.97
N GLY A 74 -15.65 -2.04 1.27
CA GLY A 74 -14.38 -1.67 1.88
C GLY A 74 -13.63 -2.91 2.27
N LYS A 75 -12.39 -2.71 2.68
CA LYS A 75 -11.52 -3.79 3.12
C LYS A 75 -11.60 -3.88 4.63
N ILE A 76 -12.24 -4.93 5.14
CA ILE A 76 -12.40 -5.09 6.58
C ILE A 76 -11.03 -5.18 7.22
N ALA A 77 -10.69 -4.20 8.04
CA ALA A 77 -9.45 -4.21 8.80
C ALA A 77 -9.65 -4.67 10.23
N VAL A 78 -10.77 -4.31 10.84
CA VAL A 78 -11.06 -4.61 12.23
C VAL A 78 -12.39 -5.35 12.29
N MET A 79 -12.47 -6.32 13.19
CA MET A 79 -13.72 -7.06 13.40
C MET A 79 -13.78 -7.40 14.89
N GLU A 80 -14.75 -6.84 15.60
CA GLU A 80 -14.90 -7.13 17.02
C GLU A 80 -16.36 -7.36 17.35
N LEU A 81 -16.61 -8.34 18.20
CA LEU A 81 -17.95 -8.61 18.72
C LEU A 81 -18.03 -8.10 20.15
N PHE A 82 -19.06 -7.33 20.44
CA PHE A 82 -19.25 -6.75 21.76
C PHE A 82 -20.73 -6.75 22.10
N ARG A 83 -21.06 -7.07 23.35
CA ARG A 83 -22.45 -7.14 23.81
C ARG A 83 -22.64 -6.12 24.93
N PRO A 84 -23.03 -4.89 24.60
CA PRO A 84 -23.19 -3.87 25.63
C PRO A 84 -24.42 -4.13 26.48
N LYS A 85 -24.44 -3.49 27.65
CA LYS A 85 -25.56 -3.67 28.57
C LYS A 85 -26.84 -3.17 27.93
N GLY A 86 -27.94 -3.88 28.20
CA GLY A 86 -29.19 -3.60 27.55
C GLY A 86 -29.34 -4.25 26.19
N GLU A 87 -28.39 -5.07 25.78
CA GLU A 87 -28.45 -5.77 24.50
C GLU A 87 -28.58 -7.26 24.74
N SER A 88 -29.50 -7.89 24.00
CA SER A 88 -29.75 -9.31 24.16
C SER A 88 -28.68 -10.17 23.50
N LYS A 89 -27.92 -9.64 22.55
CA LYS A 89 -26.92 -10.41 21.84
C LYS A 89 -25.82 -9.47 21.40
N ASP A 90 -24.89 -10.00 20.61
CA ASP A 90 -23.70 -9.26 20.25
C ASP A 90 -23.96 -8.28 19.11
N LEU A 91 -23.31 -7.14 19.17
CA LEU A 91 -23.19 -6.23 18.05
C LEU A 91 -21.80 -6.35 17.47
N LEU A 92 -21.67 -6.11 16.18
CA LEU A 92 -20.42 -6.33 15.48
C LEU A 92 -19.86 -4.99 15.02
N PHE A 93 -18.64 -4.68 15.41
CA PHE A 93 -17.96 -3.49 14.91
C PHE A 93 -17.07 -3.88 13.75
N ILE A 94 -17.18 -3.14 12.65
CA ILE A 94 -16.33 -3.37 11.49
C ILE A 94 -15.79 -2.04 11.01
N LEU A 95 -14.47 -1.95 10.91
CA LEU A 95 -13.80 -0.81 10.31
C LEU A 95 -13.23 -1.25 8.98
N THR A 96 -13.31 -0.38 7.98
CA THR A 96 -12.74 -0.69 6.68
C THR A 96 -11.47 0.11 6.45
N ALA A 97 -10.76 -0.25 5.38
CA ALA A 97 -9.47 0.37 5.10
C ALA A 97 -9.61 1.81 4.66
N LYS A 98 -10.75 2.19 4.08
CA LYS A 98 -11.07 3.58 3.82
C LYS A 98 -11.74 4.25 5.00
N TYR A 99 -11.67 3.63 6.18
CA TYR A 99 -12.08 4.18 7.46
C TYR A 99 -13.58 4.29 7.63
N ASN A 100 -14.38 3.58 6.83
CA ASN A 100 -15.80 3.47 7.12
C ASN A 100 -15.98 2.56 8.33
N ALA A 101 -16.56 3.09 9.39
CA ALA A 101 -16.84 2.34 10.59
C ALA A 101 -18.33 2.06 10.66
N CYS A 102 -18.69 0.84 11.05
CA CYS A 102 -20.09 0.47 11.15
C CYS A 102 -20.30 -0.52 12.27
N ILE A 103 -21.28 -0.25 13.12
CA ILE A 103 -21.74 -1.17 14.13
C ILE A 103 -23.02 -1.80 13.63
N LEU A 104 -23.03 -3.12 13.53
CA LEU A 104 -24.10 -3.89 12.90
C LEU A 104 -24.78 -4.77 13.94
N GLU A 105 -26.06 -5.01 13.72
CA GLU A 105 -26.85 -5.93 14.52
C GLU A 105 -27.51 -6.94 13.59
N TYR A 106 -27.44 -8.21 13.95
CA TYR A 106 -28.09 -9.26 13.18
C TYR A 106 -29.51 -9.44 13.69
N LYS A 107 -30.48 -9.27 12.81
CA LYS A 107 -31.89 -9.39 13.17
C LYS A 107 -32.53 -10.47 12.31
N GLN A 108 -33.35 -11.31 12.92
CA GLN A 108 -34.02 -12.39 12.22
C GLN A 108 -35.51 -12.37 12.53
N SER A 109 -36.32 -12.57 11.50
CA SER A 109 -37.77 -12.55 11.60
C SER A 109 -38.37 -13.82 11.03
N GLY A 110 -37.82 -14.96 11.43
CA GLY A 110 -38.31 -16.23 10.94
C GLY A 110 -37.57 -16.70 9.71
N GLU A 111 -38.13 -16.43 8.53
CA GLU A 111 -37.46 -16.78 7.28
C GLU A 111 -36.67 -15.63 6.69
N SER A 112 -36.88 -14.40 7.15
CA SER A 112 -36.22 -13.23 6.59
C SER A 112 -35.11 -12.76 7.53
N ILE A 113 -33.91 -12.61 6.99
CA ILE A 113 -32.73 -12.20 7.74
C ILE A 113 -32.40 -10.77 7.36
N ASP A 114 -32.34 -9.90 8.36
CA ASP A 114 -32.03 -8.50 8.16
C ASP A 114 -30.83 -8.13 9.03
N ILE A 115 -29.74 -7.75 8.39
CA ILE A 115 -28.52 -7.34 9.06
C ILE A 115 -28.53 -5.81 9.07
N ILE A 116 -29.07 -5.22 10.13
CA ILE A 116 -29.28 -3.79 10.16
C ILE A 116 -27.98 -3.10 10.56
N THR A 117 -27.91 -1.81 10.29
CA THR A 117 -26.76 -0.99 10.62
C THR A 117 -27.14 -0.14 11.83
N ARG A 118 -26.74 -0.58 13.02
CA ARG A 118 -27.02 0.19 14.22
C ARG A 118 -26.36 1.56 14.16
N ALA A 119 -25.14 1.62 13.65
CA ALA A 119 -24.48 2.91 13.49
C ALA A 119 -23.50 2.83 12.33
N HIS A 120 -23.21 3.99 11.75
CA HIS A 120 -22.31 4.07 10.61
C HIS A 120 -21.70 5.45 10.58
N GLY A 121 -20.47 5.51 10.09
CA GLY A 121 -19.80 6.80 9.97
C GLY A 121 -18.46 6.62 9.30
N ASN A 122 -17.76 7.75 9.14
CA ASN A 122 -16.41 7.75 8.60
C ASN A 122 -15.50 8.43 9.61
N VAL A 123 -14.46 7.72 10.01
CA VAL A 123 -13.56 8.19 11.05
C VAL A 123 -12.18 8.52 10.49
N GLN A 124 -12.10 8.75 9.19
CA GLN A 124 -10.84 9.14 8.58
C GLN A 124 -10.43 10.53 9.05
N ASP A 125 -9.13 10.71 9.27
CA ASP A 125 -8.55 12.01 9.53
C ASP A 125 -7.68 12.40 8.34
N ARG A 126 -7.92 13.60 7.80
CA ARG A 126 -7.14 14.03 6.65
C ARG A 126 -5.67 14.17 6.99
N ILE A 127 -5.36 14.72 8.16
CA ILE A 127 -4.00 14.90 8.61
C ILE A 127 -3.67 13.76 9.57
N GLY A 128 -2.53 13.11 9.35
CA GLY A 128 -2.12 12.02 10.19
C GLY A 128 -1.37 10.94 9.44
N ARG A 129 -0.21 10.56 9.95
CA ARG A 129 0.63 9.61 9.28
C ARG A 129 0.17 8.19 9.60
N PRO A 130 -0.13 7.36 8.61
CA PRO A 130 -0.47 5.96 8.90
C PRO A 130 0.68 5.28 9.63
N SER A 131 0.33 4.45 10.60
CA SER A 131 1.35 3.81 11.42
C SER A 131 1.91 2.58 10.71
N GLU A 132 3.18 2.28 11.02
CA GLU A 132 3.84 1.15 10.38
C GLU A 132 3.14 -0.16 10.70
N THR A 133 2.75 -0.36 11.95
CA THR A 133 2.09 -1.60 12.34
C THR A 133 0.65 -1.68 11.86
N GLY A 134 0.06 -0.57 11.45
CA GLY A 134 -1.22 -0.60 10.79
C GLY A 134 -2.38 -0.19 11.68
N ILE A 135 -3.57 -0.46 11.17
CA ILE A 135 -4.81 -0.13 11.86
C ILE A 135 -5.00 -1.08 13.02
N ILE A 136 -5.28 -0.53 14.21
CA ILE A 136 -5.55 -1.34 15.39
C ILE A 136 -6.89 -0.90 15.97
N GLY A 137 -7.79 -1.85 16.17
CA GLY A 137 -9.07 -1.55 16.74
C GLY A 137 -9.40 -2.42 17.93
N ILE A 138 -9.66 -1.80 19.08
CA ILE A 138 -9.90 -2.54 20.31
C ILE A 138 -11.19 -2.05 20.93
N ILE A 139 -11.85 -2.93 21.69
CA ILE A 139 -13.10 -2.60 22.36
C ILE A 139 -12.96 -2.95 23.83
N ASP A 140 -13.43 -2.05 24.68
CA ASP A 140 -13.30 -2.23 26.12
C ASP A 140 -14.08 -3.46 26.56
N PRO A 141 -13.59 -4.20 27.55
CA PRO A 141 -14.33 -5.39 28.02
C PRO A 141 -15.72 -5.06 28.53
N GLU A 142 -15.91 -3.91 29.15
CA GLU A 142 -17.21 -3.47 29.62
C GLU A 142 -18.02 -2.79 28.52
N CYS A 143 -17.53 -2.81 27.28
CA CYS A 143 -18.20 -2.20 26.14
C CYS A 143 -18.49 -0.72 26.39
N ARG A 144 -17.51 -0.02 26.96
CA ARG A 144 -17.66 1.41 27.19
C ARG A 144 -17.22 2.25 26.01
N MET A 145 -16.31 1.76 25.19
CA MET A 145 -15.75 2.58 24.12
C MET A 145 -15.09 1.69 23.09
N ILE A 146 -14.83 2.29 21.92
CA ILE A 146 -13.98 1.70 20.89
C ILE A 146 -12.75 2.58 20.74
N GLY A 147 -11.59 1.97 20.79
CA GLY A 147 -10.36 2.69 20.56
C GLY A 147 -9.72 2.29 19.25
N LEU A 148 -9.23 3.26 18.49
CA LEU A 148 -8.59 3.01 17.22
C LEU A 148 -7.24 3.69 17.18
N ARG A 149 -6.21 2.92 16.87
CA ARG A 149 -4.90 3.46 16.50
C ARG A 149 -4.83 3.44 14.99
N LEU A 150 -4.88 4.62 14.39
CA LEU A 150 -4.80 4.79 12.95
C LEU A 150 -3.59 5.59 12.51
N TYR A 151 -3.10 6.50 13.34
CA TYR A 151 -2.00 7.37 12.98
C TYR A 151 -1.01 7.41 14.13
N ASP A 152 0.19 7.88 13.84
CA ASP A 152 1.19 8.01 14.89
C ASP A 152 0.79 9.10 15.87
N GLY A 153 0.86 8.79 17.15
CA GLY A 153 0.58 9.78 18.18
C GLY A 153 -0.86 10.25 18.24
N LEU A 154 -1.82 9.36 18.00
CA LEU A 154 -3.22 9.70 18.06
C LEU A 154 -4.02 8.45 18.40
N PHE A 155 -4.98 8.58 19.31
CA PHE A 155 -5.87 7.48 19.66
C PHE A 155 -7.30 7.97 19.54
N LYS A 156 -8.07 7.39 18.63
CA LYS A 156 -9.44 7.83 18.40
C LYS A 156 -10.41 7.00 19.23
N VAL A 157 -11.25 7.69 20.00
CA VAL A 157 -12.17 7.07 20.93
C VAL A 157 -13.58 7.31 20.44
N ILE A 158 -14.37 6.26 20.34
CA ILE A 158 -15.78 6.30 19.98
C ILE A 158 -16.57 5.77 21.17
N PRO A 159 -17.24 6.63 21.93
CA PRO A 159 -17.99 6.16 23.11
C PRO A 159 -19.33 5.57 22.70
N LEU A 160 -19.67 4.44 23.31
CA LEU A 160 -20.83 3.65 22.89
C LEU A 160 -22.06 4.02 23.72
N ASP A 161 -22.52 5.24 23.54
CA ASP A 161 -23.73 5.68 24.21
C ASP A 161 -24.96 5.20 23.45
N ARG A 162 -26.12 5.38 24.07
CA ARG A 162 -27.40 5.00 23.48
C ARG A 162 -28.34 6.17 23.26
N ASP A 163 -28.43 7.09 24.22
CA ASP A 163 -29.43 8.15 24.13
C ASP A 163 -29.07 9.15 23.03
N ASN A 164 -27.78 9.42 22.85
CA ASN A 164 -27.37 10.43 21.89
C ASN A 164 -27.64 9.99 20.46
N LYS A 165 -27.96 10.94 19.60
CA LYS A 165 -28.26 10.63 18.22
C LYS A 165 -26.98 10.39 17.42
N GLU A 166 -25.86 10.95 17.86
CA GLU A 166 -24.60 10.89 17.14
C GLU A 166 -23.51 10.40 18.08
N LEU A 167 -22.66 9.50 17.58
CA LEU A 167 -21.52 8.99 18.35
C LEU A 167 -20.32 9.87 18.04
N LYS A 168 -19.97 10.73 18.99
CA LYS A 168 -18.92 11.73 18.77
C LYS A 168 -17.58 11.09 19.05
N ALA A 169 -16.86 10.74 17.98
CA ALA A 169 -15.53 10.15 18.10
C ALA A 169 -14.49 11.26 18.16
N PHE A 170 -13.64 11.22 19.19
CA PHE A 170 -12.67 12.28 19.41
C PHE A 170 -11.27 11.69 19.55
N ASN A 171 -10.26 12.50 19.32
CA ASN A 171 -8.89 12.04 19.36
C ASN A 171 -8.21 12.45 20.67
N ILE A 172 -7.38 11.56 21.18
CA ILE A 172 -6.53 11.83 22.33
C ILE A 172 -5.08 11.77 21.87
N ARG A 173 -4.32 12.80 22.17
CA ARG A 173 -2.92 12.85 21.77
C ARG A 173 -2.15 11.77 22.51
N LEU A 174 -1.60 10.82 21.75
CA LEU A 174 -0.81 9.75 22.33
C LEU A 174 0.66 10.16 22.34
N GLU A 175 1.24 10.23 23.53
CA GLU A 175 2.61 10.73 23.68
C GLU A 175 3.60 9.87 22.91
N GLU A 176 3.43 8.56 22.95
CA GLU A 176 4.30 7.66 22.19
C GLU A 176 3.98 7.76 20.71
N LEU A 177 5.01 7.59 19.87
CA LEU A 177 4.84 7.72 18.43
C LEU A 177 4.97 6.41 17.67
N HIS A 178 5.60 5.39 18.26
CA HIS A 178 5.77 4.10 17.59
C HIS A 178 5.18 3.03 18.49
N VAL A 179 3.92 2.71 18.27
CA VAL A 179 3.22 1.72 19.07
C VAL A 179 3.22 0.40 18.33
N ILE A 180 3.56 -0.67 19.03
CA ILE A 180 3.58 -2.00 18.44
C ILE A 180 2.25 -2.70 18.62
N ASP A 181 1.70 -2.71 19.84
CA ASP A 181 0.42 -3.34 20.08
C ASP A 181 -0.26 -2.68 21.27
N VAL A 182 -1.59 -2.60 21.20
CA VAL A 182 -2.42 -2.02 22.24
C VAL A 182 -3.47 -3.03 22.65
N LYS A 183 -3.89 -2.97 23.92
CA LYS A 183 -4.98 -3.80 24.39
C LYS A 183 -5.70 -3.07 25.52
N PHE A 184 -6.94 -3.51 25.77
CA PHE A 184 -7.70 -3.04 26.93
C PHE A 184 -7.57 -4.06 28.05
N LEU A 185 -7.25 -3.58 29.24
CA LEU A 185 -7.04 -4.47 30.37
C LEU A 185 -8.38 -4.82 31.03
N TYR A 186 -8.40 -5.98 31.68
CA TYR A 186 -9.56 -6.47 32.40
C TYR A 186 -9.48 -6.09 33.86
N GLY A 187 -10.65 -6.04 34.50
CA GLY A 187 -10.70 -5.81 35.93
C GLY A 187 -10.37 -4.41 36.37
N CYS A 188 -10.56 -3.42 35.51
CA CYS A 188 -10.31 -2.02 35.85
C CYS A 188 -11.64 -1.29 35.94
N GLN A 189 -11.80 -0.50 37.00
CA GLN A 189 -13.02 0.30 37.16
C GLN A 189 -13.12 1.40 36.11
N ALA A 190 -12.02 1.74 35.43
CA ALA A 190 -12.02 2.67 34.33
C ALA A 190 -11.32 2.03 33.15
N PRO A 191 -11.71 2.37 31.93
CA PRO A 191 -11.07 1.75 30.75
C PRO A 191 -9.58 2.07 30.71
N THR A 192 -8.77 1.03 30.84
CA THR A 192 -7.32 1.16 30.92
C THR A 192 -6.69 0.43 29.74
N ILE A 193 -5.77 1.10 29.06
CA ILE A 193 -5.09 0.51 27.91
C ILE A 193 -3.65 0.21 28.29
N CYS A 194 -3.12 -0.85 27.71
CA CYS A 194 -1.73 -1.28 27.88
C CYS A 194 -1.13 -1.50 26.51
N PHE A 195 0.03 -0.90 26.26
CA PHE A 195 0.61 -0.97 24.92
C PHE A 195 2.12 -1.07 24.99
N VAL A 196 2.68 -1.71 23.97
CA VAL A 196 4.13 -1.81 23.78
C VAL A 196 4.55 -0.74 22.78
N TYR A 197 5.62 -0.03 23.10
CA TYR A 197 6.10 1.01 22.20
C TYR A 197 7.60 0.89 22.07
N GLN A 198 8.12 1.45 20.97
CA GLN A 198 9.55 1.46 20.69
C GLN A 198 10.05 2.89 20.60
N ASP A 199 11.22 3.12 21.17
CA ASP A 199 11.87 4.42 21.20
C ASP A 199 13.36 4.20 20.99
N PRO A 200 14.17 5.25 20.84
CA PRO A 200 15.61 5.03 20.65
C PRO A 200 16.27 4.27 21.80
N GLN A 201 15.64 4.24 22.96
CA GLN A 201 16.19 3.51 24.11
C GLN A 201 15.81 2.04 24.13
N GLY A 202 15.05 1.57 23.14
CA GLY A 202 14.65 0.17 23.12
C GLY A 202 13.15 -0.01 23.00
N ARG A 203 12.60 -1.00 23.67
CA ARG A 203 11.16 -1.22 23.69
C ARG A 203 10.67 -1.27 25.13
N HIS A 204 9.51 -0.67 25.36
CA HIS A 204 8.94 -0.63 26.70
C HIS A 204 7.46 -0.94 26.62
N VAL A 205 6.87 -1.20 27.79
CA VAL A 205 5.44 -1.43 27.93
C VAL A 205 4.89 -0.39 28.90
N LYS A 206 3.76 0.20 28.54
CA LYS A 206 3.19 1.28 29.32
C LYS A 206 1.69 1.06 29.45
N THR A 207 1.09 1.72 30.44
CA THR A 207 -0.35 1.69 30.63
C THR A 207 -0.88 3.09 30.85
N TYR A 208 -2.09 3.33 30.37
CA TYR A 208 -2.78 4.60 30.55
C TYR A 208 -4.22 4.32 30.92
N GLU A 209 -4.92 5.35 31.40
CA GLU A 209 -6.35 5.28 31.64
C GLU A 209 -7.05 6.30 30.76
N VAL A 210 -8.20 5.90 30.22
CA VAL A 210 -8.97 6.73 29.29
C VAL A 210 -10.03 7.46 30.09
N SER A 211 -9.94 8.79 30.14
CA SER A 211 -10.94 9.62 30.79
C SER A 211 -11.77 10.27 29.70
N LEU A 212 -13.04 9.88 29.63
CA LEU A 212 -13.94 10.43 28.62
C LEU A 212 -14.33 11.86 28.93
N ARG A 213 -14.54 12.18 30.22
CA ARG A 213 -14.93 13.53 30.58
C ARG A 213 -13.83 14.54 30.28
N GLU A 214 -12.61 14.26 30.73
CA GLU A 214 -11.48 15.13 30.42
C GLU A 214 -10.94 14.89 29.02
N LYS A 215 -11.41 13.86 28.34
CA LYS A 215 -10.92 13.49 27.01
C LYS A 215 -9.40 13.36 27.01
N GLU A 216 -8.88 12.53 27.92
CA GLU A 216 -7.44 12.52 28.13
C GLU A 216 -6.98 11.16 28.61
N PHE A 217 -5.66 11.04 28.70
CA PHE A 217 -5.01 9.86 29.26
C PHE A 217 -4.46 10.21 30.64
N ASN A 218 -4.91 9.49 31.65
CA ASN A 218 -4.37 9.61 33.00
C ASN A 218 -3.40 8.47 33.26
N LYS A 219 -2.64 8.61 34.35
CA LYS A 219 -1.59 7.64 34.65
C LYS A 219 -2.16 6.24 34.78
N GLY A 220 -1.43 5.27 34.24
CA GLY A 220 -1.89 3.90 34.24
C GLY A 220 -1.73 3.24 35.58
N PRO A 221 -2.23 2.00 35.67
CA PRO A 221 -2.16 1.29 36.95
C PRO A 221 -0.74 0.94 37.35
N TRP A 222 0.02 0.29 36.48
CA TRP A 222 1.37 -0.11 36.84
C TRP A 222 2.37 0.51 35.88
N LYS A 223 3.64 0.43 36.28
CA LYS A 223 4.68 1.29 35.75
C LYS A 223 5.19 0.80 34.40
N GLN A 224 5.88 1.71 33.72
CA GLN A 224 6.64 1.36 32.53
C GLN A 224 7.72 0.35 32.88
N GLU A 225 8.03 -0.53 31.93
CA GLU A 225 9.10 -1.49 32.11
C GLU A 225 9.84 -1.70 30.80
N ASN A 226 11.17 -1.78 30.86
CA ASN A 226 11.95 -2.19 29.70
C ASN A 226 11.77 -3.67 29.43
N VAL A 227 11.54 -4.02 28.16
CA VAL A 227 11.20 -5.37 27.78
C VAL A 227 12.14 -5.83 26.67
N GLU A 228 11.86 -7.03 26.15
CA GLU A 228 12.69 -7.64 25.13
C GLU A 228 12.73 -6.79 23.88
N ALA A 229 13.86 -6.87 23.16
CA ALA A 229 14.03 -6.10 21.94
C ALA A 229 13.01 -6.47 20.87
N GLU A 230 12.42 -7.65 20.95
CA GLU A 230 11.48 -8.12 19.93
C GLU A 230 10.09 -8.33 20.49
N ALA A 231 9.78 -7.80 21.66
CA ALA A 231 8.45 -7.93 22.23
C ALA A 231 7.43 -7.33 21.29
N SER A 232 6.52 -8.16 20.78
CA SER A 232 5.65 -7.73 19.72
C SER A 232 4.18 -8.08 19.91
N MET A 233 3.80 -8.76 20.99
CA MET A 233 2.40 -9.07 21.20
C MET A 233 2.00 -8.77 22.63
N VAL A 234 0.79 -8.23 22.78
CA VAL A 234 0.21 -7.93 24.08
C VAL A 234 -1.07 -8.73 24.23
N ILE A 235 -1.21 -9.43 25.34
CA ILE A 235 -2.39 -10.22 25.65
C ILE A 235 -2.95 -9.73 26.98
N ALA A 236 -4.23 -9.42 27.01
CA ALA A 236 -4.90 -9.01 28.23
C ALA A 236 -5.50 -10.25 28.90
N VAL A 237 -5.06 -10.53 30.12
CA VAL A 237 -5.52 -11.71 30.85
C VAL A 237 -6.77 -11.36 31.64
N PRO A 238 -7.86 -12.11 31.48
CA PRO A 238 -9.10 -11.76 32.19
C PRO A 238 -8.98 -12.01 33.67
N GLU A 239 -10.01 -11.59 34.40
CA GLU A 239 -10.07 -11.83 35.82
C GLU A 239 -10.19 -13.34 36.08
N PRO A 240 -9.68 -13.81 37.22
CA PRO A 240 -9.12 -13.09 38.36
C PRO A 240 -7.65 -12.75 38.21
N PHE A 241 -7.00 -13.22 37.15
CA PHE A 241 -5.58 -12.98 36.99
C PHE A 241 -5.28 -11.49 36.79
N GLY A 242 -5.95 -10.87 35.83
CA GLY A 242 -5.61 -9.52 35.47
C GLY A 242 -4.24 -9.47 34.80
N GLY A 243 -3.75 -8.26 34.63
CA GLY A 243 -2.42 -8.08 34.08
C GLY A 243 -2.38 -8.29 32.58
N ALA A 244 -1.16 -8.46 32.07
CA ALA A 244 -0.97 -8.63 30.64
C ALA A 244 0.29 -9.43 30.38
N ILE A 245 0.26 -10.19 29.29
CA ILE A 245 1.39 -10.99 28.85
C ILE A 245 2.02 -10.32 27.64
N ILE A 246 3.31 -10.09 27.71
CA ILE A 246 4.07 -9.53 26.60
C ILE A 246 4.89 -10.65 25.98
N ILE A 247 4.68 -10.87 24.69
CA ILE A 247 5.29 -11.98 23.97
C ILE A 247 6.25 -11.42 22.95
N GLY A 248 7.50 -11.88 23.00
CA GLY A 248 8.50 -11.48 22.05
C GLY A 248 8.98 -12.62 21.19
N GLN A 249 10.25 -12.58 20.79
CA GLN A 249 10.81 -13.64 19.97
C GLN A 249 11.51 -14.72 20.79
N GLU A 250 12.13 -14.34 21.92
CA GLU A 250 12.89 -15.30 22.71
C GLU A 250 12.40 -15.45 24.14
N SER A 251 11.42 -14.68 24.59
CA SER A 251 10.95 -14.78 25.95
C SER A 251 9.49 -14.38 26.02
N ILE A 252 8.83 -14.81 27.09
CA ILE A 252 7.44 -14.47 27.37
C ILE A 252 7.37 -13.95 28.80
N THR A 253 6.77 -12.77 28.97
CA THR A 253 6.71 -12.14 30.28
C THR A 253 5.26 -11.88 30.67
N TYR A 254 5.02 -11.81 31.97
CA TYR A 254 3.73 -11.45 32.53
C TYR A 254 3.93 -10.30 33.49
N HIS A 255 3.14 -9.24 33.34
CA HIS A 255 3.22 -8.06 34.19
C HIS A 255 1.85 -7.78 34.77
N ASN A 256 1.79 -7.56 36.08
CA ASN A 256 0.55 -7.17 36.73
C ASN A 256 0.93 -6.42 38.00
N GLY A 257 0.90 -5.10 37.93
CA GLY A 257 1.36 -4.32 39.06
C GLY A 257 2.80 -4.68 39.37
N ASP A 258 3.07 -4.93 40.65
CA ASP A 258 4.40 -5.34 41.07
C ASP A 258 4.71 -6.78 40.69
N LYS A 259 3.69 -7.58 40.40
CA LYS A 259 3.92 -8.97 39.99
C LYS A 259 4.55 -9.01 38.61
N TYR A 260 5.60 -9.82 38.47
CA TYR A 260 6.35 -9.92 37.23
C TYR A 260 6.92 -11.31 37.09
N LEU A 261 6.58 -12.00 36.02
CA LEU A 261 7.15 -13.30 35.70
C LEU A 261 7.77 -13.24 34.32
N ALA A 262 8.74 -14.12 34.08
CA ALA A 262 9.41 -14.13 32.79
C ALA A 262 10.01 -15.50 32.56
N ILE A 263 9.81 -16.04 31.35
CA ILE A 263 10.41 -17.30 30.96
C ILE A 263 11.03 -17.14 29.59
N ALA A 264 12.01 -17.99 29.30
CA ALA A 264 12.68 -18.00 27.99
C ALA A 264 12.82 -19.43 27.52
N PRO A 265 11.73 -20.05 27.07
CA PRO A 265 11.79 -21.44 26.64
C PRO A 265 12.59 -21.58 25.35
N PRO A 266 13.51 -22.52 25.30
CA PRO A 266 14.31 -22.71 24.07
C PRO A 266 13.48 -23.17 22.89
N ILE A 267 12.29 -23.71 23.10
CA ILE A 267 11.52 -24.26 22.01
C ILE A 267 11.03 -23.15 21.08
N ILE A 268 10.66 -21.99 21.64
CA ILE A 268 10.05 -20.95 20.82
C ILE A 268 11.05 -20.07 20.08
N LYS A 269 12.34 -20.24 20.33
CA LYS A 269 13.31 -19.30 19.77
C LYS A 269 13.46 -19.41 18.26
N GLN A 270 13.00 -20.51 17.66
CA GLN A 270 13.26 -20.74 16.25
C GLN A 270 12.59 -19.70 15.35
N SER A 271 11.35 -19.32 15.64
CA SER A 271 10.64 -18.38 14.77
C SER A 271 9.70 -17.53 15.61
N THR A 272 9.10 -16.55 14.96
CA THR A 272 8.31 -15.54 15.63
C THR A 272 6.87 -15.97 15.79
N ILE A 273 6.32 -15.74 16.98
CA ILE A 273 4.90 -16.01 17.24
C ILE A 273 4.08 -14.84 16.73
N VAL A 274 3.08 -15.12 15.90
CA VAL A 274 2.35 -14.08 15.21
C VAL A 274 0.90 -13.94 15.69
N CYS A 275 0.28 -15.02 16.15
CA CYS A 275 -1.13 -14.98 16.50
C CYS A 275 -1.35 -15.67 17.82
N HIS A 276 -2.46 -15.34 18.46
CA HIS A 276 -2.81 -15.90 19.75
C HIS A 276 -4.32 -15.97 19.87
N ASN A 277 -4.78 -16.75 20.84
CA ASN A 277 -6.20 -16.81 21.17
C ASN A 277 -6.36 -17.31 22.59
N ARG A 278 -7.48 -16.94 23.20
CA ARG A 278 -7.76 -17.33 24.57
C ARG A 278 -8.68 -18.54 24.57
N VAL A 279 -8.22 -19.64 25.16
CA VAL A 279 -9.02 -20.85 25.21
C VAL A 279 -10.02 -20.79 26.35
N ASP A 280 -9.54 -20.68 27.57
CA ASP A 280 -10.41 -20.66 28.72
C ASP A 280 -11.04 -19.27 28.89
N PRO A 281 -12.29 -19.22 29.37
CA PRO A 281 -12.89 -17.92 29.67
C PRO A 281 -12.14 -17.13 30.73
N ASN A 282 -11.46 -17.80 31.65
CA ASN A 282 -10.70 -17.13 32.70
C ASN A 282 -9.24 -16.97 32.35
N GLY A 283 -8.83 -17.32 31.14
CA GLY A 283 -7.47 -17.05 30.70
C GLY A 283 -6.41 -17.96 31.25
N SER A 284 -6.77 -19.17 31.66
CA SER A 284 -5.76 -20.10 32.16
C SER A 284 -4.94 -20.72 31.04
N ARG A 285 -5.46 -20.73 29.82
CA ARG A 285 -4.77 -21.33 28.69
C ARG A 285 -4.92 -20.44 27.46
N TYR A 286 -3.85 -20.37 26.67
CA TYR A 286 -3.83 -19.59 25.46
C TYR A 286 -3.24 -20.42 24.33
N LEU A 287 -3.65 -20.12 23.11
CA LEU A 287 -3.06 -20.74 21.93
C LEU A 287 -2.13 -19.73 21.27
N LEU A 288 -1.01 -20.22 20.76
CA LEU A 288 -0.07 -19.39 20.04
C LEU A 288 0.31 -20.09 18.74
N GLY A 289 0.52 -19.33 17.69
CA GLY A 289 0.98 -19.89 16.44
C GLY A 289 2.14 -19.08 15.92
N ASP A 290 3.16 -19.77 15.43
CA ASP A 290 4.34 -19.07 14.94
C ASP A 290 4.49 -19.21 13.43
N MET A 291 5.41 -18.43 12.88
CA MET A 291 5.53 -18.29 11.42
C MET A 291 5.89 -19.61 10.76
N GLU A 292 6.62 -20.47 11.45
CA GLU A 292 7.01 -21.75 10.88
C GLU A 292 5.84 -22.70 10.72
N GLY A 293 4.67 -22.37 11.26
CA GLY A 293 3.52 -23.24 11.20
C GLY A 293 3.29 -24.10 12.43
N ARG A 294 4.00 -23.85 13.52
CA ARG A 294 3.87 -24.62 14.74
C ARG A 294 2.88 -23.96 15.69
N LEU A 295 2.21 -24.81 16.48
CA LEU A 295 1.17 -24.40 17.40
C LEU A 295 1.61 -24.71 18.82
N PHE A 296 1.58 -23.71 19.70
CA PHE A 296 1.98 -23.84 21.08
C PHE A 296 0.80 -23.58 21.99
N MET A 297 0.87 -24.13 23.20
CA MET A 297 -0.11 -23.88 24.24
C MET A 297 0.58 -23.16 25.39
N LEU A 298 0.15 -21.94 25.66
CA LEU A 298 0.65 -21.19 26.82
C LEU A 298 -0.24 -21.49 28.01
N LEU A 299 0.37 -21.83 29.14
CA LEU A 299 -0.35 -22.25 30.33
C LEU A 299 -0.01 -21.31 31.47
N LEU A 300 -1.03 -20.82 32.15
CA LEU A 300 -0.86 -19.98 33.33
C LEU A 300 -1.26 -20.79 34.55
N GLU A 301 -0.29 -21.09 35.41
CA GLU A 301 -0.52 -21.87 36.60
C GLU A 301 -0.92 -20.94 37.74
N LYS A 302 -2.05 -21.22 38.36
CA LYS A 302 -2.61 -20.34 39.38
C LYS A 302 -2.34 -20.91 40.77
N GLU A 303 -2.36 -20.01 41.75
CA GLU A 303 -2.22 -20.37 43.15
C GLU A 303 -3.15 -19.49 43.97
N GLU A 304 -3.88 -20.12 44.89
CA GLU A 304 -4.88 -19.43 45.70
C GLU A 304 -4.26 -19.07 47.04
N GLN A 305 -4.55 -17.85 47.50
CA GLN A 305 -4.07 -17.42 48.79
C GLN A 305 -5.07 -17.82 49.88
N MET A 306 -4.66 -17.61 51.14
CA MET A 306 -5.53 -17.96 52.26
C MET A 306 -6.81 -17.12 52.27
N ASP A 307 -6.81 -15.96 51.62
CA ASP A 307 -7.98 -15.10 51.57
C ASP A 307 -8.86 -15.37 50.35
N GLY A 308 -8.54 -16.39 49.55
CA GLY A 308 -9.33 -16.73 48.41
C GLY A 308 -8.92 -16.07 47.11
N THR A 309 -7.95 -15.15 47.15
CA THR A 309 -7.49 -14.52 45.92
C THR A 309 -6.70 -15.53 45.09
N VAL A 310 -6.64 -15.27 43.79
CA VAL A 310 -5.94 -16.11 42.83
C VAL A 310 -4.82 -15.30 42.21
N THR A 311 -3.60 -15.84 42.23
CA THR A 311 -2.45 -15.16 41.69
C THR A 311 -1.67 -16.11 40.79
N LEU A 312 -0.91 -15.54 39.87
CA LEU A 312 -0.11 -16.35 38.97
C LEU A 312 1.07 -16.96 39.71
N LYS A 313 1.49 -18.13 39.27
CA LYS A 313 2.62 -18.83 39.86
C LYS A 313 3.75 -19.06 38.86
N ASP A 314 3.45 -19.53 37.66
CA ASP A 314 4.49 -19.76 36.67
C ASP A 314 3.86 -19.83 35.29
N LEU A 315 4.67 -19.61 34.27
CA LEU A 315 4.26 -19.74 32.89
C LEU A 315 4.92 -20.97 32.28
N ARG A 316 4.15 -21.69 31.45
CA ARG A 316 4.63 -22.95 30.91
C ARG A 316 4.14 -23.07 29.48
N VAL A 317 5.06 -23.25 28.54
CA VAL A 317 4.75 -23.33 27.12
C VAL A 317 4.99 -24.75 26.66
N GLU A 318 4.04 -25.29 25.89
CA GLU A 318 4.17 -26.61 25.31
C GLU A 318 3.95 -26.53 23.81
N LEU A 319 4.58 -27.45 23.08
CA LEU A 319 4.41 -27.54 21.64
C LEU A 319 3.40 -28.64 21.33
N LEU A 320 2.36 -28.28 20.57
CA LEU A 320 1.29 -29.21 20.27
C LEU A 320 1.38 -29.84 18.90
N GLY A 321 2.13 -29.26 17.98
CA GLY A 321 2.26 -29.84 16.67
C GLY A 321 2.34 -28.77 15.62
N GLU A 322 2.03 -29.16 14.39
CA GLU A 322 2.16 -28.28 13.23
C GLU A 322 0.81 -28.11 12.57
N THR A 323 0.50 -26.88 12.19
CA THR A 323 -0.69 -26.53 11.44
C THR A 323 -0.27 -25.69 10.22
N SER A 324 -1.26 -25.13 9.54
CA SER A 324 -0.97 -24.16 8.50
C SER A 324 -0.39 -22.90 9.12
N ILE A 325 0.32 -22.13 8.31
CA ILE A 325 0.89 -20.87 8.80
C ILE A 325 -0.27 -19.95 9.16
N ALA A 326 -0.44 -19.68 10.44
CA ALA A 326 -1.69 -19.15 10.96
C ALA A 326 -1.67 -17.62 10.97
N GLU A 327 -2.57 -17.03 10.19
CA GLU A 327 -2.83 -15.61 10.30
C GLU A 327 -3.68 -15.30 11.53
N CYS A 328 -4.65 -16.15 11.83
CA CYS A 328 -5.49 -15.98 13.01
C CYS A 328 -5.86 -17.34 13.57
N LEU A 329 -6.11 -17.38 14.87
CA LEU A 329 -6.55 -18.59 15.55
C LEU A 329 -7.86 -18.29 16.26
N THR A 330 -8.72 -19.29 16.36
CA THR A 330 -9.97 -19.10 17.09
C THR A 330 -10.39 -20.43 17.68
N TYR A 331 -10.37 -20.56 19.00
CA TYR A 331 -10.89 -21.76 19.62
C TYR A 331 -12.41 -21.75 19.55
N LEU A 332 -12.98 -22.78 18.92
CA LEU A 332 -14.43 -22.78 18.73
C LEU A 332 -15.15 -23.52 19.84
N ASP A 333 -14.92 -24.83 19.95
CA ASP A 333 -15.62 -25.64 20.95
C ASP A 333 -15.12 -27.08 20.96
N ASN A 334 -15.12 -27.70 22.15
CA ASN A 334 -14.82 -29.11 22.30
C ASN A 334 -13.50 -29.50 21.63
N GLY A 335 -12.50 -28.63 21.79
CA GLY A 335 -11.19 -28.91 21.25
C GLY A 335 -11.02 -28.62 19.78
N VAL A 336 -11.98 -27.98 19.13
CA VAL A 336 -11.85 -27.65 17.73
C VAL A 336 -11.38 -26.21 17.60
N VAL A 337 -10.33 -26.01 16.82
CA VAL A 337 -9.69 -24.72 16.62
C VAL A 337 -9.74 -24.39 15.14
N PHE A 338 -10.18 -23.17 14.82
CA PHE A 338 -10.13 -22.68 13.46
C PHE A 338 -8.81 -21.95 13.26
N VAL A 339 -8.00 -22.43 12.33
CA VAL A 339 -6.73 -21.84 11.97
C VAL A 339 -6.95 -21.11 10.66
N GLY A 340 -7.16 -19.80 10.73
CA GLY A 340 -7.31 -19.02 9.52
C GLY A 340 -5.96 -18.66 8.95
N SER A 341 -5.67 -19.18 7.76
CA SER A 341 -4.36 -19.03 7.15
C SER A 341 -4.43 -18.05 6.00
N ARG A 342 -3.37 -17.24 5.86
CA ARG A 342 -3.24 -16.28 4.78
C ARG A 342 -2.35 -16.78 3.66
N LEU A 343 -1.32 -17.55 3.99
CA LEU A 343 -0.40 -18.10 3.00
C LEU A 343 -0.76 -19.49 2.54
N GLY A 344 -1.78 -20.11 3.12
CA GLY A 344 -2.14 -21.45 2.75
C GLY A 344 -3.59 -21.76 3.07
N ASP A 345 -3.97 -23.02 2.92
CA ASP A 345 -5.36 -23.40 3.20
C ASP A 345 -5.67 -23.20 4.68
N SER A 346 -6.85 -22.66 4.95
CA SER A 346 -7.28 -22.57 6.34
C SER A 346 -7.68 -23.95 6.83
N GLN A 347 -7.76 -24.10 8.14
CA GLN A 347 -8.01 -25.42 8.70
C GLN A 347 -8.99 -25.36 9.84
N LEU A 348 -9.67 -26.48 10.04
CA LEU A 348 -10.39 -26.79 11.26
C LEU A 348 -9.71 -28.00 11.86
N VAL A 349 -9.05 -27.81 13.01
CA VAL A 349 -8.13 -28.78 13.56
C VAL A 349 -8.58 -29.14 14.96
N LYS A 350 -8.24 -30.33 15.43
CA LYS A 350 -8.69 -30.79 16.73
C LYS A 350 -7.51 -31.11 17.64
N LEU A 351 -7.55 -30.62 18.87
CA LEU A 351 -6.54 -30.91 19.87
C LEU A 351 -6.93 -32.16 20.63
N ASN A 352 -6.05 -33.16 20.64
CA ASN A 352 -6.30 -34.42 21.30
C ASN A 352 -5.49 -34.51 22.59
N VAL A 353 -6.01 -35.28 23.54
CA VAL A 353 -5.35 -35.41 24.84
C VAL A 353 -4.02 -36.14 24.69
N ASP A 354 -3.98 -37.20 23.89
CA ASP A 354 -2.78 -37.99 23.70
C ASP A 354 -2.21 -37.78 22.31
N SER A 355 -0.89 -37.76 22.20
CA SER A 355 -0.24 -37.58 20.93
C SER A 355 -0.41 -38.80 20.04
N ASN A 356 -0.33 -38.58 18.73
CA ASN A 356 -0.44 -39.66 17.77
C ASN A 356 0.92 -40.32 17.58
N GLU A 357 1.04 -41.14 16.53
CA GLU A 357 2.31 -41.82 16.28
C GLU A 357 3.44 -40.85 16.03
N GLN A 358 3.12 -39.67 15.48
CA GLN A 358 4.14 -38.68 15.15
C GLN A 358 4.49 -37.79 16.33
N GLY A 359 3.92 -38.02 17.50
CA GLY A 359 4.19 -37.18 18.64
C GLY A 359 3.54 -35.82 18.59
N SER A 360 2.42 -35.70 17.89
CA SER A 360 1.70 -34.44 17.74
C SER A 360 0.31 -34.58 18.34
N TYR A 361 -0.07 -33.62 19.18
CA TYR A 361 -1.41 -33.58 19.74
C TYR A 361 -2.43 -32.98 18.78
N VAL A 362 -1.99 -32.42 17.67
CA VAL A 362 -2.84 -31.70 16.74
C VAL A 362 -3.19 -32.60 15.58
N VAL A 363 -4.48 -32.74 15.28
CA VAL A 363 -4.94 -33.57 14.19
C VAL A 363 -5.94 -32.76 13.37
N ALA A 364 -5.70 -32.67 12.06
CA ALA A 364 -6.54 -31.86 11.19
C ALA A 364 -7.85 -32.57 10.89
N MET A 365 -8.92 -31.78 10.74
CA MET A 365 -10.23 -32.27 10.41
C MET A 365 -10.74 -31.77 9.07
N GLU A 366 -10.67 -30.45 8.83
CA GLU A 366 -11.20 -29.86 7.62
C GLU A 366 -10.20 -28.87 7.06
N THR A 367 -10.18 -28.72 5.74
CA THR A 367 -9.34 -27.74 5.08
C THR A 367 -10.20 -26.87 4.18
N PHE A 368 -9.86 -25.58 4.12
CA PHE A 368 -10.56 -24.60 3.32
C PHE A 368 -9.61 -24.01 2.29
N THR A 369 -10.04 -24.02 1.04
CA THR A 369 -9.17 -23.64 -0.07
C THR A 369 -8.80 -22.17 0.01
N ASN A 370 -7.52 -21.88 -0.23
CA ASN A 370 -7.01 -20.52 -0.31
C ASN A 370 -6.07 -20.45 -1.49
N LEU A 371 -6.45 -19.69 -2.52
CA LEU A 371 -5.60 -19.55 -3.69
C LEU A 371 -4.48 -18.55 -3.49
N GLY A 372 -4.58 -17.69 -2.49
CA GLY A 372 -3.60 -16.66 -2.28
C GLY A 372 -2.36 -17.15 -1.58
N PRO A 373 -1.24 -16.49 -1.82
CA PRO A 373 -1.04 -15.39 -2.75
C PRO A 373 -0.78 -15.88 -4.17
N ILE A 374 -1.57 -15.45 -5.15
CA ILE A 374 -1.34 -15.85 -6.53
C ILE A 374 -0.11 -15.08 -7.01
N VAL A 375 1.04 -15.75 -7.04
CA VAL A 375 2.29 -15.09 -7.36
C VAL A 375 2.52 -15.00 -8.86
N ASP A 376 2.18 -16.05 -9.60
CA ASP A 376 2.23 -16.03 -11.04
C ASP A 376 1.18 -16.99 -11.55
N MET A 377 0.84 -16.88 -12.83
CA MET A 377 -0.16 -17.76 -13.40
C MET A 377 -0.09 -17.74 -14.91
N CYS A 378 -0.55 -18.83 -15.51
CA CYS A 378 -0.56 -18.96 -16.95
C CYS A 378 -1.84 -19.66 -17.39
N VAL A 379 -2.33 -19.30 -18.57
CA VAL A 379 -3.50 -19.91 -19.16
C VAL A 379 -3.03 -20.96 -20.16
N VAL A 380 -3.46 -22.20 -19.95
CA VAL A 380 -3.02 -23.32 -20.76
C VAL A 380 -4.23 -24.15 -21.16
N ASP A 381 -4.30 -24.50 -22.44
CA ASP A 381 -5.32 -25.44 -22.92
C ASP A 381 -4.74 -26.85 -22.79
N LEU A 382 -4.74 -27.35 -21.55
CA LEU A 382 -4.06 -28.61 -21.25
C LEU A 382 -4.69 -29.77 -22.01
N GLU A 383 -6.01 -29.87 -22.01
CA GLU A 383 -6.70 -30.98 -22.64
C GLU A 383 -7.00 -30.74 -24.11
N ARG A 384 -6.59 -29.59 -24.65
CA ARG A 384 -6.77 -29.27 -26.06
C ARG A 384 -8.24 -29.34 -26.48
N GLN A 385 -9.14 -29.07 -25.56
CA GLN A 385 -10.55 -28.97 -25.87
C GLN A 385 -10.98 -27.55 -26.18
N GLY A 386 -10.03 -26.61 -26.22
CA GLY A 386 -10.33 -25.23 -26.55
C GLY A 386 -10.72 -24.35 -25.39
N GLN A 387 -10.68 -24.85 -24.16
CA GLN A 387 -11.01 -24.08 -22.97
C GLN A 387 -9.74 -23.82 -22.17
N GLY A 388 -9.65 -22.63 -21.59
CA GLY A 388 -8.45 -22.26 -20.85
C GLY A 388 -8.50 -22.76 -19.43
N GLN A 389 -7.38 -23.31 -18.97
CA GLN A 389 -7.20 -23.69 -17.58
C GLN A 389 -6.13 -22.80 -16.96
N LEU A 390 -6.31 -22.44 -15.71
CA LEU A 390 -5.40 -21.51 -15.04
C LEU A 390 -4.45 -22.28 -14.14
N VAL A 391 -3.16 -22.15 -14.37
CA VAL A 391 -2.15 -22.76 -13.52
C VAL A 391 -1.45 -21.65 -12.75
N THR A 392 -1.54 -21.71 -11.42
CA THR A 392 -1.11 -20.63 -10.56
C THR A 392 -0.04 -21.13 -9.61
N CYS A 393 0.93 -20.27 -9.33
CA CYS A 393 1.90 -20.48 -8.26
C CYS A 393 1.35 -19.83 -7.00
N SER A 394 0.84 -20.64 -6.08
CA SER A 394 0.16 -20.15 -4.90
C SER A 394 0.99 -20.45 -3.66
N GLY A 395 0.65 -19.78 -2.58
CA GLY A 395 1.26 -20.09 -1.31
C GLY A 395 2.71 -19.64 -1.21
N ALA A 396 3.28 -19.92 -0.04
CA ALA A 396 4.67 -19.55 0.24
C ALA A 396 5.18 -20.44 1.35
N PHE A 397 6.50 -20.56 1.42
CA PHE A 397 7.20 -21.36 2.43
C PHE A 397 6.69 -22.80 2.31
N LYS A 398 6.30 -23.46 3.40
CA LYS A 398 5.85 -24.84 3.31
C LYS A 398 4.48 -24.98 2.68
N GLU A 399 3.79 -23.87 2.43
CA GLU A 399 2.47 -23.90 1.82
C GLU A 399 2.50 -23.76 0.31
N GLY A 400 3.66 -23.48 -0.27
CA GLY A 400 3.71 -23.20 -1.70
C GLY A 400 3.24 -24.39 -2.51
N SER A 401 2.49 -24.11 -3.56
CA SER A 401 1.91 -25.17 -4.37
C SER A 401 1.54 -24.60 -5.73
N LEU A 402 1.08 -25.49 -6.60
CA LEU A 402 0.47 -25.12 -7.86
C LEU A 402 -1.02 -25.39 -7.78
N ARG A 403 -1.83 -24.44 -8.24
CA ARG A 403 -3.27 -24.62 -8.29
C ARG A 403 -3.71 -24.65 -9.73
N ILE A 404 -4.46 -25.70 -10.11
CA ILE A 404 -5.03 -25.83 -11.43
C ILE A 404 -6.51 -25.53 -11.32
N ILE A 405 -6.97 -24.53 -12.06
CA ILE A 405 -8.31 -23.98 -11.93
C ILE A 405 -9.04 -24.21 -13.24
N ARG A 406 -10.16 -24.93 -13.16
CA ARG A 406 -11.00 -25.23 -14.30
C ARG A 406 -12.37 -24.62 -14.06
N ASN A 407 -13.08 -24.33 -15.15
CA ASN A 407 -14.44 -23.83 -15.09
C ASN A 407 -15.35 -24.92 -15.65
N GLY A 408 -16.33 -25.34 -14.87
CA GLY A 408 -17.24 -26.35 -15.36
C GLY A 408 -18.09 -26.92 -14.24
N ILE A 409 -18.70 -28.08 -14.52
CA ILE A 409 -19.61 -28.74 -13.61
C ILE A 409 -18.90 -29.95 -13.02
N GLY A 410 -18.98 -30.09 -11.69
CA GLY A 410 -18.36 -31.21 -11.00
C GLY A 410 -18.87 -32.56 -11.44
N ILE A 722 -24.94 -26.05 -12.12
CA ILE A 722 -24.36 -24.78 -12.55
C ILE A 722 -22.85 -24.90 -12.67
N GLN A 723 -22.27 -24.04 -13.50
CA GLN A 723 -20.81 -24.03 -13.66
C GLN A 723 -20.15 -23.28 -12.52
N LYS A 724 -19.06 -23.84 -12.02
CA LYS A 724 -18.30 -23.25 -10.93
C LYS A 724 -16.81 -23.36 -11.27
N LEU A 725 -15.97 -22.97 -10.32
CA LEU A 725 -14.53 -23.13 -10.43
C LEU A 725 -14.09 -24.32 -9.60
N HIS A 726 -13.26 -25.17 -10.18
CA HIS A 726 -12.76 -26.36 -9.51
C HIS A 726 -11.24 -26.28 -9.46
N ILE A 727 -10.69 -26.48 -8.27
CA ILE A 727 -9.29 -26.20 -7.98
C ILE A 727 -8.62 -27.51 -7.55
N ARG A 728 -7.51 -27.83 -8.19
CA ARG A 728 -6.68 -28.97 -7.82
C ARG A 728 -5.35 -28.46 -7.32
N THR A 729 -4.85 -29.06 -6.24
CA THR A 729 -3.66 -28.60 -5.55
C THR A 729 -2.52 -29.58 -5.73
N VAL A 730 -1.37 -29.08 -6.15
CA VAL A 730 -0.14 -29.86 -6.24
C VAL A 730 0.87 -29.22 -5.31
N PRO A 731 1.08 -29.78 -4.12
CA PRO A 731 1.94 -29.13 -3.13
C PRO A 731 3.42 -29.29 -3.47
N LEU A 732 4.18 -28.24 -3.20
CA LEU A 732 5.61 -28.23 -3.44
C LEU A 732 6.43 -28.14 -2.17
N TYR A 733 5.86 -27.65 -1.08
CA TYR A 733 6.56 -27.47 0.20
C TYR A 733 7.72 -26.49 0.09
N GLU A 734 7.66 -25.59 -0.88
CA GLU A 734 8.61 -24.49 -1.00
C GLU A 734 7.93 -23.40 -1.82
N SER A 735 8.59 -22.26 -1.93
CA SER A 735 7.94 -21.08 -2.51
C SER A 735 8.08 -21.10 -4.02
N PRO A 736 6.99 -21.16 -4.78
CA PRO A 736 7.10 -20.98 -6.23
C PRO A 736 7.08 -19.50 -6.60
N ARG A 737 7.89 -19.13 -7.57
CA ARG A 737 8.12 -17.74 -7.94
C ARG A 737 7.58 -17.38 -9.32
N LYS A 738 7.87 -18.19 -10.33
CA LYS A 738 7.44 -17.94 -11.69
C LYS A 738 7.07 -19.26 -12.33
N ILE A 739 6.19 -19.19 -13.32
CA ILE A 739 5.76 -20.38 -14.05
C ILE A 739 5.68 -20.03 -15.52
N CYS A 740 6.10 -20.97 -16.36
CA CYS A 740 5.98 -20.84 -17.80
C CYS A 740 5.71 -22.22 -18.37
N TYR A 741 5.01 -22.26 -19.50
CA TYR A 741 4.58 -23.51 -20.09
C TYR A 741 5.33 -23.76 -21.39
N GLN A 742 5.84 -24.98 -21.55
CA GLN A 742 6.58 -25.37 -22.75
C GLN A 742 5.81 -26.51 -23.41
N GLU A 743 5.04 -26.19 -24.44
CA GLU A 743 4.16 -27.19 -25.04
C GLU A 743 4.93 -28.31 -25.71
N VAL A 744 6.05 -28.00 -26.37
CA VAL A 744 6.79 -29.04 -27.07
C VAL A 744 7.30 -30.09 -26.10
N SER A 745 7.80 -29.66 -24.94
CA SER A 745 8.26 -30.61 -23.94
C SER A 745 7.13 -31.18 -23.10
N GLN A 746 5.91 -30.67 -23.26
CA GLN A 746 4.76 -31.08 -22.47
C GLN A 746 5.05 -30.96 -20.98
N CYS A 747 5.64 -29.85 -20.59
CA CYS A 747 6.05 -29.67 -19.21
C CYS A 747 6.03 -28.20 -18.85
N PHE A 748 5.92 -27.94 -17.56
CA PHE A 748 6.01 -26.61 -16.99
C PHE A 748 7.40 -26.39 -16.44
N GLY A 749 7.87 -25.14 -16.53
CA GLY A 749 9.07 -24.73 -15.83
C GLY A 749 8.66 -23.82 -14.69
N VAL A 750 9.11 -24.15 -13.49
CA VAL A 750 8.75 -23.42 -12.29
C VAL A 750 10.01 -23.00 -11.56
N LEU A 751 10.17 -21.71 -11.33
CA LEU A 751 11.19 -21.26 -10.42
C LEU A 751 10.69 -21.46 -9.00
N SER A 752 11.55 -21.96 -8.12
CA SER A 752 11.15 -22.16 -6.74
C SER A 752 12.33 -21.85 -5.83
N SER A 753 12.02 -21.56 -4.58
CA SER A 753 13.06 -21.31 -3.59
C SER A 753 12.72 -22.06 -2.31
N ARG A 754 13.76 -22.43 -1.59
CA ARG A 754 13.60 -23.03 -0.27
C ARG A 754 14.59 -22.40 0.68
N ILE A 755 14.36 -22.58 1.98
CA ILE A 755 15.18 -21.99 3.03
C ILE A 755 16.02 -23.09 3.65
N GLU A 756 17.29 -22.79 3.89
CA GLU A 756 18.20 -23.71 4.53
C GLU A 756 18.93 -22.98 5.66
N VAL A 757 19.35 -23.75 6.66
CA VAL A 757 20.09 -23.22 7.81
C VAL A 757 21.57 -23.31 7.51
N GLN A 758 22.28 -22.20 7.67
CA GLN A 758 23.71 -22.16 7.42
C GLN A 758 24.45 -23.04 8.42
N ASP A 759 25.31 -23.91 7.91
CA ASP A 759 26.08 -24.81 8.77
C ASP A 759 27.28 -24.10 9.37
N THR A 764 24.94 -25.83 4.45
CA THR A 764 23.53 -25.52 4.68
C THR A 764 22.66 -26.77 4.55
N THR A 765 21.65 -26.87 5.42
CA THR A 765 20.79 -28.04 5.48
C THR A 765 19.33 -27.62 5.30
N ALA A 766 18.59 -28.41 4.52
CA ALA A 766 17.20 -28.10 4.25
C ALA A 766 16.35 -28.25 5.51
N LEU A 767 15.46 -27.28 5.73
CA LEU A 767 14.60 -27.29 6.91
C LEU A 767 13.63 -28.46 6.88
N ARG A 768 13.07 -28.76 5.71
CA ARG A 768 12.09 -29.82 5.57
C ARG A 768 12.15 -30.35 4.14
N PRO A 769 11.76 -31.59 3.92
CA PRO A 769 11.73 -32.12 2.55
C PRO A 769 10.78 -31.31 1.68
N SER A 770 11.19 -31.08 0.44
CA SER A 770 10.43 -30.25 -0.50
C SER A 770 10.46 -30.91 -1.86
N ALA A 771 9.86 -30.22 -2.84
CA ALA A 771 9.82 -30.76 -4.20
C ALA A 771 11.17 -30.66 -4.88
N SER A 772 11.94 -29.61 -4.58
CA SER A 772 13.23 -29.43 -5.23
C SER A 772 14.23 -30.49 -4.79
N THR A 773 13.91 -31.24 -3.74
CA THR A 773 14.80 -32.27 -3.22
C THR A 773 14.35 -33.68 -3.56
N GLN A 774 13.08 -33.87 -3.91
CA GLN A 774 12.56 -35.18 -4.29
C GLN A 774 12.47 -35.37 -5.79
N ALA A 775 13.24 -34.61 -6.57
CA ALA A 775 13.19 -34.75 -8.01
C ALA A 775 13.82 -36.07 -8.45
N LEU A 776 13.33 -36.59 -9.58
CA LEU A 776 13.90 -37.82 -10.13
C LEU A 776 15.37 -37.65 -10.47
N SER A 777 15.73 -36.55 -11.11
CA SER A 777 17.11 -36.23 -11.42
C SER A 777 17.35 -34.76 -11.10
N SER A 778 18.57 -34.45 -10.71
CA SER A 778 18.88 -33.10 -10.27
C SER A 778 20.26 -32.71 -10.78
N SER A 779 20.48 -31.40 -10.87
CA SER A 779 21.75 -30.88 -11.34
C SER A 779 22.06 -29.61 -10.56
N VAL A 780 23.33 -29.22 -10.56
CA VAL A 780 23.78 -28.01 -9.88
C VAL A 780 24.55 -27.16 -10.88
N SER A 781 24.53 -25.86 -10.65
CA SER A 781 25.24 -24.94 -11.53
C SER A 781 26.74 -25.21 -11.47
N SER A 782 27.36 -25.35 -12.63
CA SER A 782 28.80 -25.51 -12.73
C SER A 782 29.49 -24.21 -13.17
N SER A 783 28.77 -23.10 -13.15
CA SER A 783 29.34 -21.83 -13.57
C SER A 783 30.50 -21.43 -12.67
N LYS A 784 31.60 -21.02 -13.30
CA LYS A 784 32.76 -20.46 -12.61
C LYS A 784 32.89 -18.98 -12.88
N LEU A 785 31.83 -18.34 -13.34
CA LEU A 785 31.86 -16.96 -13.79
C LEU A 785 31.83 -15.95 -12.65
N PHE A 786 31.65 -16.41 -11.42
CA PHE A 786 31.62 -15.53 -10.26
C PHE A 786 32.63 -15.97 -9.21
N THR A 795 28.74 -14.70 5.93
CA THR A 795 27.56 -15.15 6.64
C THR A 795 27.92 -15.82 7.96
N SER A 796 27.11 -15.56 8.98
CA SER A 796 27.34 -16.12 10.30
C SER A 796 26.58 -17.44 10.47
N PHE A 797 26.86 -18.11 11.58
CA PHE A 797 26.19 -19.37 11.87
C PHE A 797 24.72 -19.12 12.22
N GLY A 798 23.85 -20.02 11.74
CA GLY A 798 22.44 -19.96 12.05
C GLY A 798 21.60 -19.11 11.13
N GLU A 799 22.21 -18.44 10.15
CA GLU A 799 21.43 -17.63 9.22
C GLU A 799 20.66 -18.50 8.25
N GLU A 800 19.59 -17.94 7.70
CA GLU A 800 18.77 -18.63 6.72
C GLU A 800 19.15 -18.17 5.32
N VAL A 801 19.47 -19.13 4.46
CA VAL A 801 19.88 -18.83 3.09
C VAL A 801 18.86 -19.45 2.14
N GLU A 802 18.64 -18.79 1.00
CA GLU A 802 17.68 -19.29 0.03
C GLU A 802 18.39 -20.06 -1.06
N VAL A 803 17.92 -21.27 -1.32
CA VAL A 803 18.40 -22.08 -2.41
C VAL A 803 17.32 -22.05 -3.49
N HIS A 804 17.69 -21.56 -4.66
CA HIS A 804 16.76 -21.43 -5.77
C HIS A 804 16.94 -22.57 -6.75
N ASN A 805 15.84 -23.04 -7.30
CA ASN A 805 15.84 -24.17 -8.21
C ASN A 805 14.95 -23.85 -9.41
N LEU A 806 15.36 -24.33 -10.57
CA LEU A 806 14.48 -24.42 -11.71
C LEU A 806 13.96 -25.84 -11.78
N LEU A 807 12.64 -26.01 -11.68
CA LEU A 807 12.01 -27.31 -11.67
C LEU A 807 11.30 -27.52 -12.99
N ILE A 808 11.54 -28.67 -13.60
CA ILE A 808 10.79 -29.12 -14.76
C ILE A 808 9.75 -30.10 -14.25
N ILE A 809 8.48 -29.77 -14.46
CA ILE A 809 7.35 -30.46 -13.87
C ILE A 809 6.48 -31.02 -14.99
N ASP A 810 6.16 -32.30 -14.91
CA ASP A 810 5.31 -32.91 -15.92
C ASP A 810 3.93 -32.27 -15.91
N GLN A 811 3.27 -32.27 -17.06
CA GLN A 811 1.98 -31.62 -17.18
C GLN A 811 0.81 -32.56 -16.91
N HIS A 812 1.04 -33.87 -16.90
CA HIS A 812 -0.02 -34.83 -16.64
C HIS A 812 -0.06 -35.28 -15.19
N THR A 813 1.07 -35.73 -14.66
CA THR A 813 1.17 -36.15 -13.27
C THR A 813 1.55 -35.01 -12.34
N PHE A 814 2.03 -33.89 -12.89
CA PHE A 814 2.57 -32.80 -12.09
C PHE A 814 3.64 -33.30 -11.14
N GLU A 815 4.45 -34.26 -11.60
CA GLU A 815 5.56 -34.75 -10.82
C GLU A 815 6.83 -34.03 -11.23
N VAL A 816 7.69 -33.75 -10.26
CA VAL A 816 8.90 -32.96 -10.50
C VAL A 816 9.89 -33.83 -11.26
N LEU A 817 9.94 -33.65 -12.58
CA LEU A 817 10.86 -34.44 -13.39
C LEU A 817 12.30 -34.06 -13.11
N HIS A 818 12.60 -32.76 -13.08
CA HIS A 818 13.98 -32.35 -12.93
C HIS A 818 14.09 -31.15 -12.01
N ALA A 819 15.22 -31.03 -11.31
CA ALA A 819 15.47 -29.93 -10.40
C ALA A 819 16.90 -29.46 -10.58
N HIS A 820 17.06 -28.19 -10.93
CA HIS A 820 18.37 -27.60 -11.17
C HIS A 820 18.61 -26.54 -10.11
N GLN A 821 19.51 -26.84 -9.16
CA GLN A 821 19.89 -25.87 -8.16
C GLN A 821 20.91 -24.90 -8.73
N PHE A 822 20.68 -23.62 -8.54
CA PHE A 822 21.55 -22.62 -9.11
C PHE A 822 22.76 -22.41 -8.20
N LEU A 823 23.59 -21.43 -8.52
CA LEU A 823 24.79 -21.17 -7.76
C LEU A 823 24.46 -20.68 -6.35
N GLN A 824 25.48 -20.66 -5.50
CA GLN A 824 25.31 -20.15 -4.15
C GLN A 824 25.04 -18.65 -4.19
N ASN A 825 24.09 -18.22 -3.35
CA ASN A 825 23.69 -16.82 -3.26
C ASN A 825 23.12 -16.31 -4.57
N GLU A 826 22.54 -17.19 -5.39
CA GLU A 826 21.97 -16.79 -6.66
C GLU A 826 20.46 -17.01 -6.65
N TYR A 827 19.72 -15.97 -7.01
CA TYR A 827 18.27 -15.97 -7.05
C TYR A 827 17.80 -15.95 -8.49
N ALA A 828 16.92 -16.88 -8.84
CA ALA A 828 16.30 -16.90 -10.15
C ALA A 828 15.02 -16.08 -10.10
N LEU A 829 14.97 -15.00 -10.88
CA LEU A 829 13.86 -14.06 -10.85
C LEU A 829 12.86 -14.28 -11.97
N SER A 830 13.31 -14.26 -13.22
CA SER A 830 12.41 -14.31 -14.36
C SER A 830 12.62 -15.60 -15.13
N LEU A 831 11.60 -16.02 -15.84
CA LEU A 831 11.62 -17.29 -16.55
C LEU A 831 10.74 -17.16 -17.78
N VAL A 832 11.29 -17.51 -18.94
CA VAL A 832 10.53 -17.48 -20.18
C VAL A 832 10.84 -18.75 -20.95
N SER A 833 9.97 -19.10 -21.89
CA SER A 833 10.10 -20.30 -22.70
C SER A 833 9.79 -19.94 -24.14
N CYS A 834 10.81 -19.94 -25.00
CA CYS A 834 10.60 -19.44 -26.35
C CYS A 834 11.64 -20.00 -27.30
N LYS A 835 11.30 -19.97 -28.59
CA LYS A 835 12.25 -20.16 -29.66
C LYS A 835 12.96 -18.85 -29.95
N LEU A 836 14.21 -18.94 -30.38
CA LEU A 836 15.04 -17.77 -30.58
C LEU A 836 15.70 -17.82 -31.94
N GLY A 837 15.66 -16.69 -32.65
CA GLY A 837 16.36 -16.57 -33.91
C GLY A 837 15.90 -17.60 -34.91
N LYS A 838 16.87 -18.18 -35.62
CA LYS A 838 16.61 -19.26 -36.56
C LYS A 838 16.76 -20.63 -35.93
N ASP A 839 17.06 -20.69 -34.64
CA ASP A 839 17.22 -21.95 -33.96
C ASP A 839 15.86 -22.64 -33.81
N PRO A 840 15.71 -23.89 -34.27
CA PRO A 840 14.44 -24.58 -34.09
C PRO A 840 14.24 -25.18 -32.71
N ASN A 841 15.20 -25.02 -31.80
CA ASN A 841 15.08 -25.59 -30.47
C ASN A 841 14.35 -24.65 -29.53
N THR A 842 13.43 -25.20 -28.75
CA THR A 842 12.71 -24.45 -27.73
C THR A 842 13.49 -24.51 -26.44
N TYR A 843 13.78 -23.34 -25.87
CA TYR A 843 14.63 -23.24 -24.71
C TYR A 843 13.86 -22.67 -23.53
N PHE A 844 14.25 -23.10 -22.33
CA PHE A 844 13.95 -22.36 -21.12
C PHE A 844 15.00 -21.30 -20.93
N ILE A 845 14.59 -20.10 -20.57
CA ILE A 845 15.54 -19.03 -20.32
C ILE A 845 15.27 -18.49 -18.94
N VAL A 846 16.30 -18.43 -18.11
CA VAL A 846 16.17 -18.00 -16.73
C VAL A 846 17.06 -16.77 -16.54
N GLY A 847 16.48 -15.71 -15.99
CA GLY A 847 17.24 -14.58 -15.53
C GLY A 847 17.47 -14.72 -14.04
N THR A 848 18.72 -14.54 -13.62
CA THR A 848 19.08 -14.70 -12.22
C THR A 848 19.76 -13.44 -11.74
N ALA A 849 20.24 -13.51 -10.49
CA ALA A 849 20.99 -12.41 -9.89
C ALA A 849 21.79 -12.98 -8.73
N MET A 850 22.82 -12.25 -8.32
CA MET A 850 23.59 -12.59 -7.15
C MET A 850 23.21 -11.64 -6.02
N VAL A 851 22.71 -12.20 -4.93
CA VAL A 851 22.07 -11.43 -3.86
C VAL A 851 22.87 -11.62 -2.57
N TYR A 852 23.30 -10.51 -2.00
CA TYR A 852 23.99 -10.40 -0.73
C TYR A 852 23.30 -9.38 0.17
N PRO A 853 23.12 -9.69 1.45
CA PRO A 853 22.29 -8.84 2.31
C PRO A 853 22.81 -7.43 2.45
N GLU A 854 24.13 -7.22 2.38
CA GLU A 854 24.67 -5.89 2.60
C GLU A 854 24.47 -4.98 1.40
N GLU A 855 24.53 -5.52 0.19
CA GLU A 855 24.34 -4.71 -1.01
C GLU A 855 22.89 -4.33 -1.17
N ALA A 856 22.64 -3.10 -1.65
CA ALA A 856 21.28 -2.65 -1.83
C ALA A 856 20.63 -3.29 -3.05
N GLU A 857 21.37 -3.38 -4.16
CA GLU A 857 20.85 -3.96 -5.38
C GLU A 857 21.84 -4.96 -5.94
N PRO A 858 21.36 -5.94 -6.71
CA PRO A 858 22.29 -6.86 -7.37
C PRO A 858 23.20 -6.12 -8.32
N LYS A 859 24.45 -6.58 -8.40
CA LYS A 859 25.41 -6.05 -9.34
C LYS A 859 25.88 -7.06 -10.36
N GLN A 860 25.38 -8.29 -10.29
CA GLN A 860 25.68 -9.31 -11.28
C GLN A 860 24.45 -10.17 -11.49
N GLY A 861 24.38 -10.79 -12.66
CA GLY A 861 23.29 -11.71 -12.95
C GLY A 861 23.66 -12.52 -14.16
N ARG A 862 22.88 -13.57 -14.39
CA ARG A 862 23.12 -14.43 -15.54
C ARG A 862 21.82 -14.66 -16.29
N ILE A 863 21.91 -14.63 -17.60
CA ILE A 863 20.83 -15.09 -18.47
C ILE A 863 21.25 -16.47 -18.95
N VAL A 864 20.57 -17.51 -18.48
CA VAL A 864 20.97 -18.89 -18.72
C VAL A 864 19.93 -19.55 -19.60
N VAL A 865 20.39 -20.13 -20.69
CA VAL A 865 19.53 -20.78 -21.68
C VAL A 865 19.72 -22.27 -21.53
N PHE A 866 18.68 -22.95 -21.05
CA PHE A 866 18.63 -24.39 -20.91
C PHE A 866 17.79 -24.99 -22.03
N GLN A 867 18.11 -26.23 -22.39
CA GLN A 867 17.24 -27.05 -23.21
C GLN A 867 16.89 -28.31 -22.45
N TYR A 868 15.61 -28.57 -22.27
CA TYR A 868 15.16 -29.77 -21.59
C TYR A 868 14.85 -30.82 -22.65
N SER A 869 15.75 -31.79 -22.80
CA SER A 869 15.55 -32.88 -23.73
C SER A 869 16.02 -34.18 -23.09
N ASP A 870 15.40 -35.28 -23.50
CA ASP A 870 15.74 -36.62 -23.03
C ASP A 870 15.58 -36.73 -21.52
N GLY A 871 14.70 -35.92 -20.94
CA GLY A 871 14.55 -35.93 -19.50
C GLY A 871 15.69 -35.29 -18.75
N LYS A 872 16.59 -34.61 -19.45
CA LYS A 872 17.75 -34.00 -18.83
C LYS A 872 17.82 -32.54 -19.25
N LEU A 873 18.26 -31.70 -18.31
CA LEU A 873 18.38 -30.27 -18.52
C LEU A 873 19.84 -29.91 -18.68
N GLN A 874 20.19 -29.33 -19.82
CA GLN A 874 21.57 -28.96 -20.11
C GLN A 874 21.66 -27.47 -20.38
N THR A 875 22.72 -26.85 -19.90
CA THR A 875 22.95 -25.42 -20.07
C THR A 875 23.48 -25.18 -21.48
N VAL A 876 22.57 -24.87 -22.40
CA VAL A 876 22.98 -24.58 -23.77
C VAL A 876 23.85 -23.34 -23.82
N ALA A 877 23.48 -22.30 -23.09
CA ALA A 877 24.29 -21.10 -23.10
C ALA A 877 24.09 -20.34 -21.81
N GLU A 878 24.96 -19.35 -21.58
CA GLU A 878 24.84 -18.50 -20.41
C GLU A 878 25.58 -17.20 -20.66
N LYS A 879 25.01 -16.10 -20.19
CA LYS A 879 25.53 -14.77 -20.44
C LYS A 879 25.61 -14.03 -19.12
N GLU A 880 26.73 -13.37 -18.87
CA GLU A 880 26.89 -12.56 -17.67
C GLU A 880 26.45 -11.13 -17.94
N VAL A 881 25.57 -10.62 -17.08
CA VAL A 881 25.04 -9.28 -17.22
C VAL A 881 25.26 -8.55 -15.91
N LYS A 882 25.30 -7.23 -15.99
CA LYS A 882 25.61 -6.42 -14.82
C LYS A 882 24.36 -5.98 -14.08
N GLY A 883 23.54 -6.94 -13.69
CA GLY A 883 22.38 -6.64 -12.89
C GLY A 883 21.39 -7.78 -12.89
N ALA A 884 20.36 -7.61 -12.07
CA ALA A 884 19.32 -8.62 -11.93
C ALA A 884 18.40 -8.60 -13.14
N VAL A 885 18.16 -9.77 -13.72
CA VAL A 885 17.30 -9.88 -14.90
C VAL A 885 15.87 -9.99 -14.40
N TYR A 886 15.20 -8.84 -14.31
CA TYR A 886 13.89 -8.80 -13.66
C TYR A 886 12.82 -9.47 -14.50
N SER A 887 12.80 -9.24 -15.80
CA SER A 887 11.78 -9.83 -16.65
C SER A 887 12.31 -9.98 -18.05
N MET A 888 11.94 -11.10 -18.68
CA MET A 888 12.30 -11.33 -20.06
C MET A 888 11.07 -11.79 -20.83
N VAL A 889 10.93 -11.28 -22.05
CA VAL A 889 9.86 -11.68 -22.94
C VAL A 889 10.45 -11.87 -24.33
N GLU A 890 10.00 -12.90 -25.02
CA GLU A 890 10.40 -13.07 -26.41
C GLU A 890 9.75 -12.00 -27.26
N PHE A 891 10.53 -11.38 -28.13
CA PHE A 891 10.08 -10.21 -28.91
C PHE A 891 10.47 -10.40 -30.36
N ASN A 892 9.56 -10.97 -31.15
CA ASN A 892 9.77 -11.18 -32.59
C ASN A 892 11.02 -12.02 -32.84
N GLY A 893 11.15 -13.13 -32.14
CA GLY A 893 12.27 -14.01 -32.33
C GLY A 893 13.55 -13.57 -31.68
N LYS A 894 13.52 -12.53 -30.87
CA LYS A 894 14.67 -12.07 -30.10
C LYS A 894 14.34 -12.18 -28.62
N LEU A 895 15.29 -11.81 -27.79
CA LEU A 895 15.13 -11.87 -26.34
C LEU A 895 15.12 -10.46 -25.78
N LEU A 896 13.98 -10.03 -25.28
CA LEU A 896 13.90 -8.75 -24.60
C LEU A 896 14.07 -9.01 -23.11
N ALA A 897 15.09 -8.42 -22.52
CA ALA A 897 15.39 -8.62 -21.11
C ALA A 897 15.46 -7.26 -20.42
N SER A 898 15.31 -7.27 -19.10
CA SER A 898 15.42 -6.05 -18.32
C SER A 898 16.46 -6.27 -17.23
N ILE A 899 17.64 -5.71 -17.43
CA ILE A 899 18.75 -5.82 -16.50
C ILE A 899 18.84 -4.51 -15.73
N ASN A 900 18.40 -4.52 -14.47
CA ASN A 900 18.26 -3.32 -13.66
C ASN A 900 17.43 -2.27 -14.39
N SER A 901 18.03 -1.14 -14.72
CA SER A 901 17.32 -0.05 -15.37
C SER A 901 17.43 -0.11 -16.89
N THR A 902 18.03 -1.16 -17.44
CA THR A 902 18.25 -1.28 -18.86
C THR A 902 17.25 -2.27 -19.44
N VAL A 903 16.69 -1.93 -20.60
CA VAL A 903 15.93 -2.88 -21.40
C VAL A 903 16.80 -3.21 -22.60
N ARG A 904 17.20 -4.47 -22.70
CA ARG A 904 18.16 -4.92 -23.70
C ARG A 904 17.48 -5.88 -24.67
N LEU A 905 17.92 -5.84 -25.91
CA LEU A 905 17.46 -6.77 -26.93
C LEU A 905 18.62 -7.67 -27.35
N TYR A 906 18.38 -8.97 -27.35
CA TYR A 906 19.39 -9.98 -27.64
C TYR A 906 19.02 -10.76 -28.89
N GLU A 907 20.01 -11.02 -29.73
CA GLU A 907 19.85 -11.89 -30.87
C GLU A 907 20.51 -13.23 -30.62
N TRP A 908 19.84 -14.29 -31.02
CA TRP A 908 20.34 -15.66 -30.93
C TRP A 908 21.15 -15.97 -32.18
N THR A 909 22.47 -15.89 -32.07
CA THR A 909 23.36 -16.03 -33.21
C THR A 909 23.47 -17.48 -33.65
N THR A 910 24.34 -17.73 -34.62
CA THR A 910 24.51 -19.07 -35.16
C THR A 910 25.36 -19.96 -34.27
N GLU A 911 26.35 -19.40 -33.56
CA GLU A 911 27.08 -20.20 -32.59
C GLU A 911 26.28 -20.42 -31.31
N LYS A 912 24.99 -20.04 -31.31
CA LYS A 912 24.08 -20.26 -30.19
C LYS A 912 24.60 -19.56 -28.93
N GLU A 913 24.86 -18.27 -29.08
CA GLU A 913 25.17 -17.41 -27.94
C GLU A 913 24.46 -16.09 -28.14
N LEU A 914 24.22 -15.39 -27.05
CA LEU A 914 23.46 -14.16 -27.10
C LEU A 914 24.36 -13.00 -27.53
N ARG A 915 23.74 -11.95 -28.05
CA ARG A 915 24.47 -10.79 -28.55
C ARG A 915 23.56 -9.57 -28.48
N THR A 916 24.06 -8.50 -27.86
CA THR A 916 23.25 -7.29 -27.70
C THR A 916 22.97 -6.66 -29.04
N GLU A 917 21.73 -6.22 -29.24
CA GLU A 917 21.33 -5.48 -30.42
C GLU A 917 21.08 -4.01 -30.11
N CYS A 918 20.19 -3.72 -29.17
CA CYS A 918 19.88 -2.36 -28.82
C CYS A 918 19.53 -2.27 -27.34
N ASN A 919 19.71 -1.07 -26.80
CA ASN A 919 19.50 -0.80 -25.39
C ASN A 919 18.57 0.39 -25.22
N HIS A 920 17.82 0.37 -24.13
CA HIS A 920 17.04 1.52 -23.68
C HIS A 920 17.34 1.70 -22.21
N TYR A 921 18.06 2.77 -21.87
CA TYR A 921 18.55 2.96 -20.52
C TYR A 921 17.66 3.80 -19.64
N ASN A 922 16.73 4.57 -20.22
CA ASN A 922 15.95 5.54 -19.46
C ASN A 922 14.88 4.82 -18.66
N ASN A 923 15.27 4.36 -17.48
CA ASN A 923 14.36 3.69 -16.55
C ASN A 923 14.94 3.81 -15.16
N ILE A 924 14.06 3.76 -14.15
CA ILE A 924 14.52 3.58 -12.78
C ILE A 924 14.76 2.11 -12.50
N MET A 925 13.78 1.28 -12.82
CA MET A 925 13.92 -0.17 -12.71
C MET A 925 12.84 -0.80 -13.57
N ALA A 926 13.24 -1.52 -14.60
CA ALA A 926 12.31 -2.08 -15.57
C ALA A 926 11.78 -3.42 -15.04
N LEU A 927 10.83 -3.31 -14.12
CA LEU A 927 10.34 -4.51 -13.45
C LEU A 927 9.46 -5.36 -14.35
N TYR A 928 8.61 -4.74 -15.15
CA TYR A 928 7.62 -5.48 -15.92
C TYR A 928 7.75 -5.16 -17.40
N LEU A 929 7.62 -6.19 -18.23
CA LEU A 929 7.70 -6.05 -19.67
C LEU A 929 6.50 -6.74 -20.32
N LYS A 930 5.89 -6.08 -21.28
CA LYS A 930 4.88 -6.70 -22.13
C LYS A 930 5.13 -6.25 -23.55
N THR A 931 4.66 -7.04 -24.51
CA THR A 931 4.85 -6.68 -25.91
C THR A 931 3.57 -6.92 -26.69
N LYS A 932 3.42 -6.15 -27.77
CA LYS A 932 2.40 -6.44 -28.77
C LYS A 932 2.90 -5.87 -30.10
N GLY A 933 3.08 -6.75 -31.07
CA GLY A 933 3.64 -6.30 -32.34
C GLY A 933 5.04 -5.78 -32.12
N ASP A 934 5.27 -4.53 -32.50
CA ASP A 934 6.55 -3.88 -32.29
C ASP A 934 6.54 -2.96 -31.08
N PHE A 935 5.50 -3.01 -30.26
CA PHE A 935 5.39 -2.12 -29.11
C PHE A 935 5.76 -2.86 -27.84
N ILE A 936 6.54 -2.19 -26.99
CA ILE A 936 6.93 -2.69 -25.68
C ILE A 936 6.32 -1.77 -24.64
N LEU A 937 5.59 -2.37 -23.70
CA LEU A 937 5.07 -1.68 -22.54
C LEU A 937 5.95 -2.03 -21.34
N VAL A 938 6.67 -1.05 -20.84
CA VAL A 938 7.59 -1.22 -19.72
C VAL A 938 6.92 -0.63 -18.49
N GLY A 939 6.70 -1.47 -17.49
CA GLY A 939 6.16 -1.03 -16.21
C GLY A 939 7.29 -0.88 -15.22
N ASP A 940 7.48 0.34 -14.74
CA ASP A 940 8.59 0.72 -13.89
C ASP A 940 8.20 0.65 -12.42
N LEU A 941 9.22 0.71 -11.56
CA LEU A 941 8.98 0.61 -10.13
C LEU A 941 8.12 1.76 -9.63
N MET A 942 8.40 2.99 -10.07
CA MET A 942 7.68 4.14 -9.57
C MET A 942 7.32 5.15 -10.65
N ARG A 943 7.55 4.85 -11.93
CA ARG A 943 7.31 5.81 -13.00
C ARG A 943 6.21 5.37 -13.93
N SER A 944 5.26 4.59 -13.45
CA SER A 944 4.09 4.18 -14.24
C SER A 944 4.59 3.43 -15.48
N VAL A 945 3.82 3.48 -16.56
CA VAL A 945 4.10 2.69 -17.74
C VAL A 945 4.75 3.57 -18.79
N LEU A 946 5.49 2.95 -19.70
CA LEU A 946 6.15 3.63 -20.79
C LEU A 946 6.02 2.77 -22.04
N LEU A 947 5.69 3.38 -23.17
CA LEU A 947 5.48 2.66 -24.41
C LEU A 947 6.61 3.02 -25.38
N LEU A 948 7.41 2.01 -25.74
CA LEU A 948 8.44 2.10 -26.75
C LEU A 948 8.03 1.31 -27.99
N ALA A 949 8.71 1.60 -29.09
CA ALA A 949 8.53 0.84 -30.31
C ALA A 949 9.90 0.45 -30.84
N TYR A 950 10.02 -0.78 -31.32
CA TYR A 950 11.23 -1.23 -31.97
C TYR A 950 11.15 -0.88 -33.44
N LYS A 951 12.17 -0.15 -33.92
CA LYS A 951 12.20 0.23 -35.32
C LYS A 951 13.00 -0.80 -36.10
N PRO A 952 12.37 -1.66 -36.89
CA PRO A 952 13.11 -2.72 -37.57
C PRO A 952 14.18 -2.21 -38.50
N MET A 953 13.94 -1.08 -39.17
CA MET A 953 14.86 -0.56 -40.17
C MET A 953 15.96 0.33 -39.60
N GLU A 954 15.96 0.58 -38.28
CA GLU A 954 17.08 1.25 -37.63
C GLU A 954 17.77 0.39 -36.60
N GLY A 955 17.14 -0.69 -36.14
CA GLY A 955 17.74 -1.52 -35.12
C GLY A 955 17.91 -0.83 -33.79
N ASN A 956 16.90 -0.08 -33.34
CA ASN A 956 16.95 0.55 -32.03
C ASN A 956 15.52 0.83 -31.59
N PHE A 957 15.39 1.16 -30.30
CA PHE A 957 14.11 1.49 -29.73
C PHE A 957 13.78 2.96 -29.98
N GLU A 958 12.57 3.33 -29.59
CA GLU A 958 12.12 4.72 -29.62
C GLU A 958 10.96 4.88 -28.66
N GLU A 959 11.05 5.85 -27.76
CA GLU A 959 10.01 6.06 -26.77
C GLU A 959 8.80 6.69 -27.44
N ILE A 960 7.78 5.88 -27.72
CA ILE A 960 6.56 6.40 -28.31
C ILE A 960 5.88 7.38 -27.37
N ALA A 961 5.69 6.98 -26.11
CA ALA A 961 5.04 7.85 -25.15
C ALA A 961 5.26 7.29 -23.76
N ARG A 962 4.83 8.03 -22.74
CA ARG A 962 4.95 7.51 -21.40
C ARG A 962 3.98 8.25 -20.50
N ASP A 963 3.53 7.55 -19.45
CA ASP A 963 2.61 8.14 -18.50
C ASP A 963 3.40 8.95 -17.48
N PHE A 964 3.10 10.24 -17.38
CA PHE A 964 3.85 11.11 -16.47
C PHE A 964 3.28 11.11 -15.06
N ASN A 965 2.13 10.49 -14.84
CA ASN A 965 1.61 10.36 -13.49
C ASN A 965 2.34 9.22 -12.78
N PRO A 966 3.03 9.49 -11.68
CA PRO A 966 3.77 8.43 -10.99
C PRO A 966 2.82 7.48 -10.29
N ASN A 967 3.13 6.19 -10.38
CA ASN A 967 2.37 5.16 -9.67
C ASN A 967 3.29 3.99 -9.42
N TRP A 968 3.07 3.28 -8.33
CA TRP A 968 3.90 2.14 -7.99
C TRP A 968 3.34 0.87 -8.62
N MET A 969 3.72 0.57 -9.85
CA MET A 969 3.18 -0.59 -10.54
C MET A 969 3.48 -1.88 -9.83
N SER A 970 2.57 -2.83 -9.99
CA SER A 970 2.78 -4.22 -9.63
C SER A 970 2.45 -5.18 -10.76
N ALA A 971 1.87 -4.70 -11.85
CA ALA A 971 1.57 -5.49 -13.03
C ALA A 971 1.15 -4.56 -14.14
N VAL A 972 1.46 -4.94 -15.38
CA VAL A 972 1.06 -4.16 -16.54
C VAL A 972 0.46 -5.10 -17.58
N GLU A 973 -0.32 -4.53 -18.49
CA GLU A 973 -0.89 -5.30 -19.58
C GLU A 973 -1.30 -4.35 -20.69
N ILE A 974 -1.30 -4.86 -21.92
CA ILE A 974 -1.69 -4.10 -23.09
C ILE A 974 -3.05 -4.62 -23.54
N LEU A 975 -4.11 -3.85 -23.29
CA LEU A 975 -5.44 -4.27 -23.68
C LEU A 975 -5.57 -4.32 -25.20
N ASP A 976 -5.19 -3.23 -25.87
CA ASP A 976 -5.14 -3.18 -27.32
C ASP A 976 -4.06 -2.17 -27.69
N ASP A 977 -3.95 -1.89 -28.99
CA ASP A 977 -2.83 -1.09 -29.48
C ASP A 977 -2.82 0.32 -28.91
N ASP A 978 -3.94 0.79 -28.38
CA ASP A 978 -4.01 2.13 -27.82
C ASP A 978 -4.32 2.18 -26.34
N ASN A 979 -4.82 1.08 -25.75
CA ASN A 979 -5.23 1.07 -24.36
C ASN A 979 -4.28 0.18 -23.56
N PHE A 980 -3.75 0.71 -22.47
CA PHE A 980 -2.78 0.02 -21.63
C PHE A 980 -3.30 -0.03 -20.20
N LEU A 981 -3.43 -1.22 -19.66
CA LEU A 981 -3.92 -1.42 -18.30
C LEU A 981 -2.75 -1.43 -17.33
N GLY A 982 -3.04 -1.04 -16.09
CA GLY A 982 -1.99 -1.04 -15.09
C GLY A 982 -2.53 -1.12 -13.68
N ALA A 983 -1.97 -2.01 -12.88
CA ALA A 983 -2.34 -2.16 -11.48
C ALA A 983 -1.24 -1.60 -10.61
N GLU A 984 -1.63 -0.78 -9.64
CA GLU A 984 -0.63 -0.08 -8.83
C GLU A 984 -0.68 -0.61 -7.40
N ASN A 985 0.13 0.02 -6.54
CA ASN A 985 0.43 -0.56 -5.25
C ASN A 985 -0.73 -0.43 -4.27
N ALA A 986 -1.51 0.65 -4.38
CA ALA A 986 -2.55 0.93 -3.40
C ALA A 986 -3.89 0.31 -3.78
N PHE A 987 -3.87 -0.80 -4.49
CA PHE A 987 -5.07 -1.57 -4.85
C PHE A 987 -5.94 -0.83 -5.87
N ASN A 988 -5.31 -0.22 -6.87
CA ASN A 988 -6.04 0.51 -7.89
C ASN A 988 -5.67 0.02 -9.28
N LEU A 989 -6.65 0.09 -10.18
CA LEU A 989 -6.47 -0.20 -11.59
C LEU A 989 -6.65 1.07 -12.38
N PHE A 990 -5.86 1.24 -13.43
CA PHE A 990 -6.06 2.36 -14.33
C PHE A 990 -5.78 1.92 -15.75
N VAL A 991 -6.27 2.72 -16.69
CA VAL A 991 -6.09 2.50 -18.11
C VAL A 991 -5.63 3.80 -18.74
N CYS A 992 -4.49 3.74 -19.41
CA CYS A 992 -3.90 4.86 -20.14
C CYS A 992 -4.16 4.68 -21.62
N GLN A 993 -4.20 5.79 -22.35
CA GLN A 993 -4.54 5.78 -23.76
C GLN A 993 -3.47 6.49 -24.55
N LYS A 994 -3.00 5.87 -25.62
CA LYS A 994 -2.15 6.53 -26.60
C LYS A 994 -3.00 7.52 -27.38
N ASP A 995 -2.92 8.80 -27.04
CA ASP A 995 -3.79 9.80 -27.64
C ASP A 995 -3.32 10.07 -29.07
N SER A 996 -3.87 9.29 -30.00
CA SER A 996 -3.61 9.51 -31.42
C SER A 996 -4.27 10.77 -31.95
N ALA A 997 -5.22 11.33 -31.21
CA ALA A 997 -5.90 12.55 -31.63
C ALA A 997 -5.08 13.80 -31.39
N ALA A 998 -3.94 13.70 -30.71
CA ALA A 998 -3.11 14.86 -30.45
C ALA A 998 -2.50 15.40 -31.75
N THR A 999 -2.32 16.72 -31.79
CA THR A 999 -1.85 17.39 -32.99
C THR A 999 -0.34 17.59 -33.01
N THR A 1000 0.29 17.72 -31.86
CA THR A 1000 1.72 17.98 -31.78
C THR A 1000 2.44 16.74 -31.29
N ASP A 1001 3.68 16.57 -31.75
CA ASP A 1001 4.49 15.44 -31.29
C ASP A 1001 4.76 15.52 -29.78
N GLU A 1002 4.81 16.74 -29.24
CA GLU A 1002 4.96 16.90 -27.80
C GLU A 1002 3.75 16.34 -27.04
N GLU A 1003 2.54 16.59 -27.54
CA GLU A 1003 1.35 16.06 -26.89
C GLU A 1003 1.20 14.57 -27.10
N ARG A 1004 1.71 14.04 -28.21
CA ARG A 1004 1.68 12.60 -28.42
C ARG A 1004 2.63 11.84 -27.51
N GLN A 1005 3.51 12.55 -26.80
CA GLN A 1005 4.43 11.88 -25.89
C GLN A 1005 3.78 11.52 -24.56
N HIS A 1006 2.54 11.91 -24.33
CA HIS A 1006 1.87 11.67 -23.06
C HIS A 1006 0.77 10.63 -23.25
N LEU A 1007 0.67 9.72 -22.30
CA LEU A 1007 -0.50 8.84 -22.22
C LEU A 1007 -1.50 9.43 -21.26
N GLN A 1008 -2.77 9.45 -21.67
CA GLN A 1008 -3.83 10.04 -20.88
C GLN A 1008 -4.51 8.96 -20.06
N GLU A 1009 -4.69 9.21 -18.77
CA GLU A 1009 -5.32 8.24 -17.87
C GLU A 1009 -6.82 8.28 -18.10
N VAL A 1010 -7.27 7.49 -19.08
CA VAL A 1010 -8.68 7.53 -19.45
C VAL A 1010 -9.55 6.71 -18.51
N GLY A 1011 -8.97 5.82 -17.71
CA GLY A 1011 -9.81 5.07 -16.79
C GLY A 1011 -9.19 4.88 -15.42
N LEU A 1012 -9.99 5.03 -14.36
CA LEU A 1012 -9.53 4.84 -12.99
C LEU A 1012 -10.54 3.99 -12.24
N PHE A 1013 -10.04 3.16 -11.33
CA PHE A 1013 -10.91 2.25 -10.59
C PHE A 1013 -10.17 1.79 -9.35
N HIS A 1014 -10.91 1.52 -8.29
CA HIS A 1014 -10.32 1.00 -7.06
C HIS A 1014 -10.79 -0.44 -6.86
N LEU A 1015 -9.90 -1.37 -7.17
CA LEU A 1015 -10.22 -2.78 -7.06
C LEU A 1015 -10.23 -3.27 -5.61
N GLY A 1016 -9.37 -2.74 -4.76
CA GLY A 1016 -9.27 -3.26 -3.41
C GLY A 1016 -8.41 -4.49 -3.27
N GLU A 1017 -7.64 -4.84 -4.29
CA GLU A 1017 -6.75 -5.99 -4.25
C GLU A 1017 -5.40 -5.59 -4.84
N PHE A 1018 -4.36 -6.29 -4.41
CA PHE A 1018 -3.01 -6.10 -4.95
C PHE A 1018 -2.81 -7.11 -6.06
N VAL A 1019 -2.85 -6.65 -7.31
CA VAL A 1019 -2.79 -7.53 -8.46
C VAL A 1019 -1.35 -7.93 -8.72
N ASN A 1020 -1.08 -9.22 -8.69
CA ASN A 1020 0.25 -9.75 -8.99
C ASN A 1020 0.45 -10.00 -10.46
N VAL A 1021 -0.52 -10.60 -11.14
CA VAL A 1021 -0.29 -11.06 -12.50
C VAL A 1021 -1.48 -10.69 -13.38
N PHE A 1022 -1.19 -10.19 -14.58
CA PHE A 1022 -2.16 -10.06 -15.66
C PHE A 1022 -1.84 -11.08 -16.73
N CYS A 1023 -2.88 -11.61 -17.39
CA CYS A 1023 -2.63 -12.48 -18.52
C CYS A 1023 -3.87 -12.54 -19.42
N HIS A 1024 -3.63 -12.52 -20.73
CA HIS A 1024 -4.72 -12.62 -21.68
C HIS A 1024 -5.26 -14.04 -21.73
N GLY A 1025 -6.57 -14.16 -21.69
CA GLY A 1025 -7.20 -15.46 -21.75
C GLY A 1025 -8.60 -15.41 -21.18
N SER A 1026 -9.25 -16.57 -21.20
CA SER A 1026 -10.59 -16.70 -20.67
C SER A 1026 -10.81 -18.13 -20.22
N LEU A 1027 -11.69 -18.31 -19.23
CA LEU A 1027 -11.96 -19.61 -18.67
C LEU A 1027 -13.20 -20.26 -19.25
N VAL A 1028 -13.85 -19.64 -20.24
CA VAL A 1028 -15.11 -20.14 -20.78
C VAL A 1028 -14.92 -20.54 -22.23
N MET A 1029 -15.88 -21.31 -22.72
CA MET A 1029 -15.84 -21.79 -24.10
C MET A 1029 -16.05 -20.63 -25.07
N GLN A 1030 -15.11 -20.46 -25.99
CA GLN A 1030 -15.22 -19.44 -27.04
C GLN A 1030 -15.74 -20.07 -28.33
N ASN A 1031 -17.00 -20.49 -28.30
CA ASN A 1031 -17.63 -21.13 -29.45
C ASN A 1031 -17.96 -20.10 -30.51
N LEU A 1032 -18.29 -20.59 -31.71
CA LEU A 1032 -18.64 -19.70 -32.81
C LEU A 1032 -19.94 -18.96 -32.55
N GLY A 1033 -20.82 -19.54 -31.72
CA GLY A 1033 -22.07 -18.88 -31.39
C GLY A 1033 -21.96 -17.78 -30.36
N GLU A 1034 -20.76 -17.54 -29.85
CA GLU A 1034 -20.52 -16.55 -28.82
C GLU A 1034 -20.21 -15.17 -29.39
N THR A 1035 -20.38 -14.97 -30.69
CA THR A 1035 -20.10 -13.69 -31.32
C THR A 1035 -21.08 -12.60 -30.93
N SER A 1036 -22.18 -12.95 -30.25
CA SER A 1036 -23.18 -11.99 -29.83
C SER A 1036 -22.79 -11.25 -28.55
N THR A 1037 -21.64 -11.58 -27.97
CA THR A 1037 -21.20 -10.88 -26.77
C THR A 1037 -20.89 -9.42 -27.09
N PRO A 1038 -21.39 -8.48 -26.28
CA PRO A 1038 -21.10 -7.07 -26.52
C PRO A 1038 -19.72 -6.62 -26.06
N THR A 1039 -18.90 -7.54 -25.54
CA THR A 1039 -17.60 -7.21 -25.01
C THR A 1039 -16.50 -7.67 -25.96
N GLN A 1040 -15.34 -7.01 -25.83
CA GLN A 1040 -14.18 -7.31 -26.66
C GLN A 1040 -12.97 -7.44 -25.75
N GLY A 1041 -12.20 -8.51 -25.93
CA GLY A 1041 -11.05 -8.77 -25.10
C GLY A 1041 -11.42 -9.47 -23.80
N SER A 1042 -10.40 -10.01 -23.15
CA SER A 1042 -10.59 -10.69 -21.87
C SER A 1042 -9.24 -10.82 -21.20
N VAL A 1043 -9.07 -10.20 -20.05
CA VAL A 1043 -7.80 -10.22 -19.33
C VAL A 1043 -8.06 -10.72 -17.92
N LEU A 1044 -7.41 -11.81 -17.55
CA LEU A 1044 -7.50 -12.31 -16.18
C LEU A 1044 -6.41 -11.67 -15.32
N PHE A 1045 -6.75 -11.39 -14.08
CA PHE A 1045 -5.76 -10.92 -13.14
C PHE A 1045 -5.85 -11.70 -11.84
N GLY A 1046 -4.69 -12.06 -11.33
CA GLY A 1046 -4.57 -12.78 -10.07
C GLY A 1046 -3.89 -11.91 -9.03
N THR A 1047 -4.46 -11.90 -7.83
CA THR A 1047 -4.11 -10.98 -6.76
C THR A 1047 -3.57 -11.76 -5.57
N VAL A 1048 -3.12 -11.02 -4.56
CA VAL A 1048 -2.54 -11.62 -3.37
C VAL A 1048 -3.58 -12.36 -2.56
N ASN A 1049 -4.79 -11.82 -2.47
CA ASN A 1049 -5.81 -12.40 -1.61
C ASN A 1049 -6.49 -13.61 -2.22
N GLY A 1050 -5.94 -14.20 -3.27
CA GLY A 1050 -6.58 -15.33 -3.90
C GLY A 1050 -7.69 -14.97 -4.85
N MET A 1051 -7.94 -13.68 -5.06
CA MET A 1051 -8.94 -13.24 -6.01
C MET A 1051 -8.47 -13.46 -7.44
N ILE A 1052 -9.42 -13.83 -8.30
CA ILE A 1052 -9.21 -13.84 -9.74
C ILE A 1052 -10.29 -12.97 -10.36
N GLY A 1053 -9.88 -12.01 -11.19
CA GLY A 1053 -10.79 -11.09 -11.79
C GLY A 1053 -10.64 -11.05 -13.29
N LEU A 1054 -11.63 -10.48 -13.95
CA LEU A 1054 -11.67 -10.44 -15.40
C LEU A 1054 -12.00 -9.03 -15.85
N VAL A 1055 -11.20 -8.51 -16.79
CA VAL A 1055 -11.36 -7.19 -17.34
C VAL A 1055 -11.66 -7.32 -18.82
N THR A 1056 -12.76 -6.71 -19.26
CA THR A 1056 -13.13 -6.72 -20.67
C THR A 1056 -13.45 -5.31 -21.12
N SER A 1057 -13.72 -5.14 -22.41
CA SER A 1057 -14.02 -3.84 -22.96
C SER A 1057 -15.41 -3.84 -23.58
N LEU A 1058 -16.14 -2.75 -23.39
CA LEU A 1058 -17.49 -2.57 -23.89
C LEU A 1058 -17.51 -1.51 -24.98
N SER A 1059 -18.56 -1.56 -25.80
CA SER A 1059 -18.82 -0.48 -26.74
C SER A 1059 -19.35 0.74 -26.01
N GLU A 1060 -19.40 1.87 -26.71
CA GLU A 1060 -19.81 3.11 -26.06
C GLU A 1060 -21.26 3.07 -25.60
N SER A 1061 -22.16 2.59 -26.45
CA SER A 1061 -23.57 2.54 -26.06
C SER A 1061 -23.79 1.57 -24.92
N TRP A 1062 -23.12 0.41 -24.96
CA TRP A 1062 -23.22 -0.52 -23.85
C TRP A 1062 -22.65 0.08 -22.57
N TYR A 1063 -21.56 0.82 -22.68
CA TYR A 1063 -21.02 1.50 -21.50
C TYR A 1063 -22.02 2.49 -20.94
N ASN A 1064 -22.67 3.27 -21.80
CA ASN A 1064 -23.64 4.24 -21.30
C ASN A 1064 -24.81 3.55 -20.63
N LEU A 1065 -25.32 2.48 -21.23
CA LEU A 1065 -26.44 1.76 -20.63
C LEU A 1065 -26.07 1.20 -19.27
N LEU A 1066 -24.88 0.60 -19.17
CA LEU A 1066 -24.49 0.00 -17.89
C LEU A 1066 -24.11 1.06 -16.86
N LEU A 1067 -23.66 2.22 -17.28
CA LEU A 1067 -23.44 3.30 -16.32
C LEU A 1067 -24.76 3.82 -15.77
N ASP A 1068 -25.78 3.91 -16.63
CA ASP A 1068 -27.11 4.26 -16.13
C ASP A 1068 -27.63 3.20 -15.16
N MET A 1069 -27.42 1.93 -15.51
CA MET A 1069 -27.71 0.84 -14.58
C MET A 1069 -27.02 1.07 -13.24
N GLN A 1070 -25.76 1.46 -13.29
CA GLN A 1070 -24.98 1.67 -12.07
C GLN A 1070 -25.62 2.74 -11.22
N ASN A 1071 -25.97 3.86 -11.84
CA ASN A 1071 -26.54 4.97 -11.08
C ASN A 1071 -27.86 4.58 -10.44
N ARG A 1072 -28.69 3.81 -11.15
CA ARG A 1072 -30.00 3.45 -10.59
C ARG A 1072 -29.90 2.35 -9.52
N LEU A 1073 -29.04 1.36 -9.73
CA LEU A 1073 -28.83 0.34 -8.71
C LEU A 1073 -28.20 0.93 -7.44
N ASN A 1074 -27.42 2.00 -7.58
CA ASN A 1074 -26.91 2.69 -6.41
C ASN A 1074 -28.03 3.27 -5.57
N LYS A 1075 -29.22 3.43 -6.13
CA LYS A 1075 -30.40 3.87 -5.39
C LYS A 1075 -31.23 2.70 -4.87
N VAL A 1076 -31.43 1.67 -5.70
CA VAL A 1076 -32.29 0.58 -5.26
C VAL A 1076 -31.65 -0.27 -4.19
N ILE A 1077 -30.37 -0.61 -4.32
CA ILE A 1077 -29.68 -1.47 -3.37
C ILE A 1077 -29.01 -0.61 -2.30
N LYS A 1078 -29.34 -0.88 -1.04
CA LYS A 1078 -28.73 -0.20 0.09
C LYS A 1078 -27.56 -1.05 0.55
N SER A 1079 -26.50 -0.41 1.01
CA SER A 1079 -25.29 -1.15 1.35
C SER A 1079 -25.22 -1.45 2.84
N VAL A 1080 -24.58 -2.57 3.17
CA VAL A 1080 -24.35 -2.93 4.56
C VAL A 1080 -23.31 -1.99 5.14
N GLY A 1081 -23.66 -1.35 6.25
CA GLY A 1081 -22.84 -0.27 6.77
C GLY A 1081 -23.07 1.05 6.09
N LYS A 1082 -23.89 1.08 5.04
CA LYS A 1082 -24.30 2.32 4.38
C LYS A 1082 -23.10 3.09 3.84
N ILE A 1083 -22.30 2.41 3.02
CA ILE A 1083 -21.18 3.01 2.34
C ILE A 1083 -21.58 3.23 0.88
N GLU A 1084 -21.37 4.43 0.37
CA GLU A 1084 -21.73 4.71 -1.01
C GLU A 1084 -20.81 3.98 -1.97
N HIS A 1085 -21.41 3.38 -3.00
CA HIS A 1085 -20.63 2.61 -3.97
C HIS A 1085 -19.63 3.49 -4.69
N SER A 1086 -20.02 4.72 -5.00
CA SER A 1086 -19.11 5.64 -5.66
C SER A 1086 -17.91 5.95 -4.77
N PHE A 1087 -18.12 6.06 -3.46
CA PHE A 1087 -16.99 6.27 -2.56
C PHE A 1087 -16.11 5.04 -2.50
N TRP A 1088 -16.71 3.86 -2.51
CA TRP A 1088 -15.94 2.62 -2.43
C TRP A 1088 -15.04 2.46 -3.64
N ARG A 1089 -15.59 2.65 -4.83
CA ARG A 1089 -14.81 2.39 -6.03
C ARG A 1089 -13.90 3.54 -6.44
N SER A 1090 -13.92 4.64 -5.71
CA SER A 1090 -13.16 5.81 -6.12
C SER A 1090 -11.67 5.51 -6.13
N PHE A 1091 -10.98 5.96 -7.17
CA PHE A 1091 -9.53 5.91 -7.20
C PHE A 1091 -8.97 6.67 -6.01
N HIS A 1092 -8.02 6.07 -5.33
CA HIS A 1092 -7.52 6.64 -4.09
C HIS A 1092 -6.09 6.16 -3.87
N THR A 1093 -5.13 7.07 -3.97
CA THR A 1093 -3.74 6.73 -3.75
C THR A 1093 -3.11 7.68 -2.75
N GLU A 1094 -1.79 7.63 -2.61
CA GLU A 1094 -1.10 8.54 -1.72
C GLU A 1094 -1.11 9.97 -2.23
N ARG A 1095 -1.41 10.18 -3.51
CA ARG A 1095 -1.26 11.50 -4.13
C ARG A 1095 -2.55 12.09 -4.68
N LYS A 1096 -3.53 11.30 -5.09
CA LYS A 1096 -4.72 11.87 -5.69
C LYS A 1096 -5.91 10.96 -5.41
N THR A 1097 -7.10 11.55 -5.52
CA THR A 1097 -8.35 10.85 -5.24
C THR A 1097 -9.42 11.36 -6.18
N GLU A 1098 -9.81 10.52 -7.14
CA GLU A 1098 -10.82 10.88 -8.12
C GLU A 1098 -11.85 9.75 -8.22
N PRO A 1099 -13.09 10.08 -8.52
CA PRO A 1099 -14.11 9.04 -8.68
C PRO A 1099 -13.80 8.13 -9.86
N ALA A 1100 -14.25 6.89 -9.76
CA ALA A 1100 -13.96 5.90 -10.78
C ALA A 1100 -14.58 6.31 -12.12
N THR A 1101 -13.80 6.16 -13.18
CA THR A 1101 -14.24 6.54 -14.51
C THR A 1101 -13.84 5.45 -15.50
N GLY A 1102 -14.63 5.31 -16.56
CA GLY A 1102 -14.30 4.35 -17.58
C GLY A 1102 -14.32 2.91 -17.15
N PHE A 1103 -14.87 2.61 -15.98
CA PHE A 1103 -14.96 1.25 -15.49
C PHE A 1103 -16.39 1.00 -15.02
N ILE A 1104 -16.89 -0.20 -15.26
CA ILE A 1104 -18.22 -0.62 -14.84
C ILE A 1104 -18.05 -1.77 -13.86
N ASP A 1105 -18.56 -1.60 -12.65
CA ASP A 1105 -18.47 -2.65 -11.65
C ASP A 1105 -19.39 -3.79 -12.05
N GLY A 1106 -18.80 -4.93 -12.39
CA GLY A 1106 -19.60 -6.06 -12.83
C GLY A 1106 -20.36 -6.75 -11.72
N ASP A 1107 -19.85 -6.68 -10.48
CA ASP A 1107 -20.57 -7.26 -9.37
C ASP A 1107 -21.89 -6.54 -9.11
N LEU A 1108 -21.85 -5.21 -9.13
CA LEU A 1108 -23.09 -4.45 -8.94
C LEU A 1108 -24.07 -4.70 -10.06
N ILE A 1109 -23.59 -4.75 -11.30
CA ILE A 1109 -24.47 -4.98 -12.44
C ILE A 1109 -25.10 -6.36 -12.36
N GLU A 1110 -24.31 -7.38 -12.02
CA GLU A 1110 -24.85 -8.72 -11.92
C GLU A 1110 -25.74 -8.91 -10.71
N SER A 1111 -25.60 -8.07 -9.68
CA SER A 1111 -26.52 -8.14 -8.56
C SER A 1111 -27.92 -7.69 -8.93
N PHE A 1112 -28.08 -7.01 -10.06
CA PHE A 1112 -29.42 -6.61 -10.51
C PHE A 1112 -30.30 -7.82 -10.77
N LEU A 1113 -29.71 -8.95 -11.15
CA LEU A 1113 -30.49 -10.12 -11.51
C LEU A 1113 -31.13 -10.81 -10.32
N ASP A 1114 -30.81 -10.42 -9.09
CA ASP A 1114 -31.33 -11.12 -7.93
C ASP A 1114 -32.22 -10.27 -7.03
N ILE A 1115 -32.41 -8.99 -7.34
CA ILE A 1115 -33.32 -8.17 -6.54
C ILE A 1115 -34.75 -8.53 -6.90
N SER A 1116 -35.70 -8.09 -6.07
CA SER A 1116 -37.09 -8.46 -6.27
C SER A 1116 -37.64 -7.81 -7.53
N ARG A 1117 -38.61 -8.49 -8.15
CA ARG A 1117 -39.17 -8.00 -9.40
C ARG A 1117 -39.79 -6.61 -9.29
N PRO A 1118 -40.57 -6.28 -8.26
CA PRO A 1118 -41.00 -4.88 -8.12
C PRO A 1118 -39.84 -3.90 -8.10
N LYS A 1119 -38.75 -4.27 -7.43
CA LYS A 1119 -37.57 -3.40 -7.48
C LYS A 1119 -37.01 -3.32 -8.90
N MET A 1120 -37.10 -4.40 -9.68
CA MET A 1120 -36.60 -4.36 -11.05
C MET A 1120 -37.43 -3.42 -11.90
N GLN A 1121 -38.75 -3.43 -11.70
CA GLN A 1121 -39.62 -2.45 -12.34
C GLN A 1121 -39.21 -1.04 -11.93
N GLU A 1122 -38.85 -0.87 -10.66
CA GLU A 1122 -38.39 0.45 -10.22
C GLU A 1122 -37.14 0.89 -10.97
N VAL A 1123 -36.17 -0.02 -11.12
CA VAL A 1123 -34.94 0.32 -11.83
C VAL A 1123 -35.22 0.62 -13.30
N VAL A 1124 -35.93 -0.28 -13.97
CA VAL A 1124 -36.10 -0.18 -15.42
C VAL A 1124 -37.03 0.96 -15.81
N ALA A 1125 -37.79 1.50 -14.86
CA ALA A 1125 -38.80 2.49 -15.18
C ALA A 1125 -38.19 3.73 -15.83
N ASN A 1126 -38.88 4.25 -16.84
CA ASN A 1126 -38.57 5.51 -17.53
C ASN A 1126 -37.20 5.50 -18.19
N LEU A 1127 -36.53 4.35 -18.21
CA LEU A 1127 -35.21 4.23 -18.81
C LEU A 1127 -35.34 4.05 -20.31
N GLN A 1128 -34.42 4.66 -21.06
CA GLN A 1128 -34.44 4.63 -22.51
C GLN A 1128 -33.42 3.61 -23.00
N TYR A 1129 -33.89 2.62 -23.77
CA TYR A 1129 -33.10 1.50 -24.22
C TYR A 1129 -33.14 1.42 -25.73
N ASP A 1130 -31.98 1.17 -26.35
CA ASP A 1130 -31.90 0.88 -27.77
C ASP A 1130 -32.13 -0.61 -27.96
N ASP A 1131 -33.32 -0.97 -28.43
CA ASP A 1131 -33.71 -2.37 -28.53
C ASP A 1131 -33.01 -3.11 -29.66
N GLY A 1132 -32.24 -2.42 -30.50
CA GLY A 1132 -31.57 -3.04 -31.62
C GLY A 1132 -32.14 -2.67 -32.98
N SER A 1133 -33.28 -2.00 -33.02
CA SER A 1133 -33.84 -1.52 -34.28
C SER A 1133 -33.27 -0.18 -34.70
N GLY A 1134 -32.34 0.39 -33.93
CA GLY A 1134 -31.76 1.68 -34.22
C GLY A 1134 -32.44 2.85 -33.53
N MET A 1135 -33.53 2.61 -32.80
CA MET A 1135 -34.23 3.67 -32.09
C MET A 1135 -34.37 3.31 -30.61
N LYS A 1136 -34.66 4.33 -29.82
CA LYS A 1136 -34.75 4.20 -28.37
C LYS A 1136 -36.20 4.15 -27.92
N ARG A 1137 -36.47 3.24 -26.98
CA ARG A 1137 -37.82 3.03 -26.46
C ARG A 1137 -37.76 2.94 -24.95
N GLU A 1138 -38.93 2.79 -24.34
CA GLU A 1138 -39.00 2.59 -22.90
C GLU A 1138 -38.63 1.14 -22.57
N ALA A 1139 -37.58 0.97 -21.77
CA ALA A 1139 -37.05 -0.34 -21.49
C ALA A 1139 -38.01 -1.17 -20.64
N THR A 1140 -37.92 -2.48 -20.80
CA THR A 1140 -38.69 -3.43 -20.00
C THR A 1140 -37.74 -4.34 -19.26
N ALA A 1141 -38.28 -5.05 -18.26
CA ALA A 1141 -37.44 -5.87 -17.40
C ALA A 1141 -36.76 -6.98 -18.18
N ASP A 1142 -37.47 -7.60 -19.13
CA ASP A 1142 -36.90 -8.71 -19.87
C ASP A 1142 -35.71 -8.27 -20.73
N ASP A 1143 -35.78 -7.06 -21.30
CA ASP A 1143 -34.67 -6.55 -22.09
C ASP A 1143 -33.39 -6.51 -21.27
N LEU A 1144 -33.44 -5.90 -20.10
CA LEU A 1144 -32.23 -5.72 -19.33
C LEU A 1144 -31.84 -7.00 -18.63
N ILE A 1145 -32.80 -7.87 -18.35
CA ILE A 1145 -32.47 -9.20 -17.85
C ILE A 1145 -31.64 -9.95 -18.87
N LYS A 1146 -32.04 -9.93 -20.14
CA LYS A 1146 -31.25 -10.67 -21.13
C LYS A 1146 -29.92 -9.98 -21.39
N VAL A 1147 -29.88 -8.64 -21.31
CA VAL A 1147 -28.61 -7.94 -21.46
C VAL A 1147 -27.63 -8.38 -20.37
N VAL A 1148 -28.06 -8.35 -19.11
CA VAL A 1148 -27.16 -8.73 -18.03
C VAL A 1148 -26.84 -10.22 -18.11
N GLU A 1149 -27.81 -11.04 -18.47
CA GLU A 1149 -27.56 -12.47 -18.68
C GLU A 1149 -26.45 -12.66 -19.71
N GLU A 1150 -26.42 -11.83 -20.74
CA GLU A 1150 -25.32 -11.90 -21.70
C GLU A 1150 -24.02 -11.43 -21.09
N LEU A 1151 -24.07 -10.45 -20.19
CA LEU A 1151 -22.84 -10.02 -19.53
C LEU A 1151 -22.23 -11.11 -18.65
N THR A 1152 -23.05 -11.89 -17.94
CA THR A 1152 -22.53 -12.92 -17.05
C THR A 1152 -22.03 -14.15 -17.78
N ARG A 1153 -22.07 -14.17 -19.10
CA ARG A 1153 -21.55 -15.30 -19.85
C ARG A 1153 -20.08 -15.13 -20.20
N ILE A 1154 -19.45 -14.06 -19.73
CA ILE A 1154 -18.03 -13.86 -19.97
C ILE A 1154 -17.15 -14.46 -18.88
N HIS A 1155 -17.72 -14.89 -17.77
CA HIS A 1155 -16.94 -15.51 -16.72
C HIS A 1155 -17.65 -16.73 -16.13
N ILE B 20 21.82 -9.59 11.32
CA ILE B 20 21.84 -8.96 10.01
C ILE B 20 20.52 -9.19 9.29
N GLN B 21 19.93 -8.13 8.77
CA GLN B 21 18.65 -8.20 8.08
C GLN B 21 18.83 -7.98 6.59
N ASN B 22 17.96 -8.61 5.80
CA ASN B 22 18.04 -8.53 4.35
C ASN B 22 17.69 -7.13 3.83
N GLN B 23 18.72 -6.38 3.43
CA GLN B 23 18.52 -5.05 2.88
C GLN B 23 18.35 -5.04 1.38
N ASN B 24 18.59 -6.17 0.71
CA ASN B 24 18.59 -6.20 -0.74
C ASN B 24 17.19 -6.02 -1.28
N VAL B 25 17.09 -5.28 -2.39
CA VAL B 25 15.78 -4.93 -2.94
C VAL B 25 15.02 -6.15 -3.42
N ILE B 26 15.71 -7.23 -3.78
CA ILE B 26 15.02 -8.42 -4.24
C ILE B 26 14.22 -9.04 -3.11
N HIS B 27 14.78 -9.03 -1.90
CA HIS B 27 14.03 -9.55 -0.75
C HIS B 27 12.74 -8.77 -0.57
N ARG B 28 12.81 -7.44 -0.67
CA ARG B 28 11.62 -6.64 -0.48
C ARG B 28 10.61 -6.86 -1.60
N LEU B 29 11.09 -7.04 -2.83
CA LEU B 29 10.16 -7.30 -3.93
C LEU B 29 9.43 -8.62 -3.74
N GLU B 30 10.15 -9.69 -3.41
CA GLU B 30 9.49 -10.97 -3.20
C GLU B 30 8.53 -10.90 -2.01
N ARG B 31 8.94 -10.24 -0.94
CA ARG B 31 8.07 -10.10 0.22
C ARG B 31 6.81 -9.35 -0.13
N ARG B 32 6.92 -8.30 -0.94
CA ARG B 32 5.74 -7.58 -1.40
C ARG B 32 4.84 -8.47 -2.23
N ARG B 33 5.43 -9.30 -3.08
CA ARG B 33 4.62 -10.18 -3.91
C ARG B 33 3.81 -11.16 -3.07
N ILE B 34 4.40 -11.76 -2.05
CA ILE B 34 3.68 -12.83 -1.35
C ILE B 34 2.78 -12.29 -0.25
N SER B 35 2.96 -11.03 0.14
CA SER B 35 2.17 -10.49 1.23
C SER B 35 2.07 -8.98 1.10
N SER B 36 0.88 -8.45 1.39
CA SER B 36 0.66 -7.01 1.43
C SER B 36 0.66 -6.46 2.85
N GLY B 37 1.01 -7.29 3.83
CA GLY B 37 1.13 -6.82 5.20
C GLY B 37 -0.21 -6.68 5.88
N LYS B 38 -0.18 -6.07 7.06
CA LYS B 38 -1.39 -5.79 7.78
C LYS B 38 -2.19 -4.70 7.07
N ALA B 39 -3.40 -4.49 7.54
CA ALA B 39 -4.25 -3.47 6.92
C ALA B 39 -3.73 -2.09 7.25
N GLY B 40 -3.65 -1.23 6.24
CA GLY B 40 -3.15 0.11 6.42
C GLY B 40 -1.65 0.25 6.39
N THR B 41 -0.91 -0.81 6.07
CA THR B 41 0.54 -0.76 6.04
C THR B 41 1.11 -0.74 4.63
N HIS B 42 0.26 -0.78 3.60
CA HIS B 42 0.78 -0.91 2.25
C HIS B 42 1.53 0.33 1.79
N TRP B 43 1.44 1.44 2.52
CA TRP B 43 2.21 2.62 2.15
C TRP B 43 3.68 2.44 2.50
N HIS B 44 3.97 1.87 3.67
CA HIS B 44 5.36 1.68 4.06
C HIS B 44 6.03 0.59 3.25
N GLN B 45 5.26 -0.38 2.77
CA GLN B 45 5.81 -1.45 1.95
C GLN B 45 6.47 -0.92 0.69
N VAL B 46 6.11 0.29 0.26
CA VAL B 46 6.79 0.93 -0.85
C VAL B 46 7.64 2.11 -0.41
N ARG B 47 7.35 2.72 0.73
CA ARG B 47 8.24 3.77 1.23
C ARG B 47 9.62 3.22 1.54
N VAL B 48 9.71 1.95 1.95
CA VAL B 48 11.02 1.39 2.26
C VAL B 48 11.89 1.22 1.03
N PHE B 49 11.31 1.29 -0.17
CA PHE B 49 12.11 1.14 -1.38
C PHE B 49 13.07 2.29 -1.59
N HIS B 50 12.83 3.44 -0.97
CA HIS B 50 13.75 4.54 -1.09
C HIS B 50 15.08 4.28 -0.41
N GLN B 51 15.18 3.25 0.41
CA GLN B 51 16.46 2.84 0.96
C GLN B 51 17.25 1.98 0.00
N ASN B 52 16.66 1.55 -1.10
CA ASN B 52 17.37 0.81 -2.14
C ASN B 52 17.73 1.69 -3.33
N VAL B 53 16.81 2.55 -3.76
CA VAL B 53 16.98 3.38 -4.94
C VAL B 53 17.14 4.81 -4.47
N PHE B 54 18.29 5.42 -4.76
CA PHE B 54 18.59 6.75 -4.27
C PHE B 54 19.45 7.47 -5.28
N PRO B 55 19.60 8.79 -5.15
CA PRO B 55 20.52 9.53 -6.03
C PRO B 55 21.98 9.26 -5.73
N ASN B 56 22.50 8.17 -6.28
CA ASN B 56 23.86 7.72 -6.03
C ASN B 56 24.89 8.27 -7.00
N PHE B 57 24.49 9.14 -7.92
CA PHE B 57 25.43 9.69 -8.90
C PHE B 57 25.31 11.21 -8.91
N THR B 58 26.41 11.87 -9.23
CA THR B 58 26.44 13.34 -9.23
C THR B 58 27.21 13.84 -10.43
N VAL B 59 26.56 14.65 -11.24
CA VAL B 59 27.19 15.35 -12.35
C VAL B 59 27.44 16.78 -11.91
N VAL B 60 28.65 17.27 -12.19
CA VAL B 60 29.15 18.52 -11.65
C VAL B 60 29.06 19.61 -12.71
N ASN B 61 28.57 20.78 -12.31
CA ASN B 61 28.61 21.98 -13.15
C ASN B 61 27.88 21.78 -14.48
N VAL B 62 26.58 21.57 -14.36
CA VAL B 62 25.72 21.41 -15.54
C VAL B 62 25.41 22.77 -16.13
N GLU B 63 25.42 22.84 -17.46
CA GLU B 63 25.00 24.05 -18.15
C GLU B 63 23.53 24.35 -17.85
N LYS B 64 23.24 25.61 -17.54
CA LYS B 64 21.94 26.00 -17.04
C LYS B 64 21.44 27.26 -17.73
N PRO B 65 20.18 27.28 -18.17
CA PRO B 65 19.67 28.39 -18.96
C PRO B 65 19.57 29.65 -18.11
N PRO B 66 19.41 30.81 -18.74
CA PRO B 66 19.28 32.06 -17.97
C PRO B 66 17.94 32.16 -17.25
N CYS B 67 17.81 31.42 -16.15
CA CYS B 67 16.60 31.46 -15.34
C CYS B 67 16.96 31.10 -13.92
N PHE B 68 16.14 31.56 -12.98
CA PHE B 68 16.32 31.29 -11.57
C PHE B 68 15.35 30.18 -11.19
N LEU B 69 15.88 28.99 -10.92
CA LEU B 69 15.05 27.86 -10.56
C LEU B 69 14.47 28.06 -9.17
N ARG B 70 13.23 27.61 -8.96
CA ARG B 70 12.65 27.73 -7.62
C ARG B 70 12.34 26.38 -6.98
N LYS B 71 11.51 25.54 -7.58
CA LYS B 71 11.14 24.27 -6.93
C LYS B 71 10.27 23.46 -7.89
N PHE B 72 9.89 22.27 -7.44
CA PHE B 72 8.91 21.45 -8.13
C PHE B 72 7.53 21.72 -7.58
N SER B 73 6.52 21.31 -8.35
CA SER B 73 5.15 21.32 -7.87
C SER B 73 4.96 20.25 -6.81
N PRO B 74 3.91 20.33 -6.00
CA PRO B 74 3.69 19.30 -4.98
C PRO B 74 3.56 17.90 -5.55
N ASP B 75 2.92 17.78 -6.71
CA ASP B 75 2.89 16.49 -7.40
C ASP B 75 4.14 16.23 -8.22
N GLY B 76 5.00 17.23 -8.36
CA GLY B 76 6.30 17.06 -8.98
C GLY B 76 6.31 17.07 -10.48
N ARG B 77 5.17 17.33 -11.14
CA ARG B 77 5.15 17.27 -12.59
C ARG B 77 5.84 18.48 -13.21
N TYR B 78 5.72 19.64 -12.58
CA TYR B 78 6.21 20.88 -13.16
C TYR B 78 7.42 21.40 -12.40
N PHE B 79 8.08 22.37 -13.02
CA PHE B 79 9.19 23.07 -12.40
C PHE B 79 9.07 24.55 -12.74
N ILE B 80 9.34 25.39 -11.75
CA ILE B 80 9.10 26.82 -11.85
C ILE B 80 10.43 27.54 -11.93
N ALA B 81 10.53 28.48 -12.87
CA ALA B 81 11.71 29.32 -12.95
C ALA B 81 11.28 30.74 -13.24
N PHE B 82 12.14 31.68 -12.86
CA PHE B 82 11.91 33.10 -13.13
C PHE B 82 12.94 33.56 -14.15
N SER B 83 12.45 34.19 -15.22
CA SER B 83 13.33 34.58 -16.31
C SER B 83 14.31 35.65 -15.85
N SER B 84 15.30 35.90 -16.71
CA SER B 84 16.30 36.92 -16.40
C SER B 84 15.70 38.31 -16.36
N ASP B 85 14.55 38.53 -16.98
CA ASP B 85 13.91 39.84 -16.95
C ASP B 85 13.14 40.11 -15.66
N GLN B 86 13.00 39.09 -14.80
CA GLN B 86 12.27 39.21 -13.54
C GLN B 86 10.86 39.74 -13.74
N THR B 87 10.28 39.44 -14.91
CA THR B 87 8.91 39.83 -15.21
C THR B 87 8.10 38.73 -15.86
N SER B 88 8.70 37.60 -16.20
CA SER B 88 8.01 36.50 -16.86
C SER B 88 8.31 35.22 -16.13
N LEU B 89 7.32 34.34 -16.07
CA LEU B 89 7.47 33.06 -15.40
C LEU B 89 7.64 31.95 -16.43
N GLU B 90 8.58 31.04 -16.16
CA GLU B 90 8.86 29.92 -17.03
C GLU B 90 8.41 28.64 -16.35
N ILE B 91 7.58 27.88 -17.04
CA ILE B 91 7.04 26.62 -16.54
C ILE B 91 7.59 25.51 -17.39
N TYR B 92 8.34 24.61 -16.76
CA TYR B 92 8.93 23.43 -17.38
C TYR B 92 8.19 22.18 -16.94
N GLU B 93 8.27 21.14 -17.77
CA GLU B 93 7.78 19.83 -17.41
C GLU B 93 8.96 18.95 -17.02
N TYR B 94 8.85 18.30 -15.87
CA TYR B 94 9.91 17.43 -15.38
C TYR B 94 9.80 16.07 -16.07
N GLN B 95 10.85 15.68 -16.79
CA GLN B 95 10.83 14.47 -17.60
C GLN B 95 11.12 13.21 -16.82
N GLY B 96 11.59 13.32 -15.59
CA GLY B 96 11.92 12.15 -14.80
C GLY B 96 13.41 12.09 -14.49
N CYS B 97 13.75 11.29 -13.48
CA CYS B 97 15.13 11.13 -13.05
C CYS B 97 15.90 10.14 -13.91
N GLN B 98 15.22 9.41 -14.79
CA GLN B 98 15.87 8.55 -15.76
C GLN B 98 16.09 9.24 -17.09
N ALA B 99 15.83 10.55 -17.16
CA ALA B 99 15.82 11.26 -18.43
C ALA B 99 17.19 11.34 -19.10
N ALA B 100 18.28 11.09 -18.37
CA ALA B 100 19.61 11.21 -18.95
C ALA B 100 20.44 9.94 -18.75
N GLU B 101 19.81 8.79 -18.58
CA GLU B 101 20.56 7.57 -18.29
C GLU B 101 21.46 7.18 -19.45
N ASP B 102 20.98 7.34 -20.68
CA ASP B 102 21.74 6.89 -21.84
C ASP B 102 23.01 7.70 -22.04
N LEU B 103 23.04 8.94 -21.55
CA LEU B 103 24.20 9.79 -21.72
C LEU B 103 25.37 9.38 -20.86
N LEU B 104 25.14 8.58 -19.82
CA LEU B 104 26.15 8.32 -18.80
C LEU B 104 26.73 6.91 -18.88
N GLN B 105 26.44 6.16 -19.93
CA GLN B 105 26.86 4.78 -19.97
C GLN B 105 28.38 4.65 -20.05
N GLY B 106 28.90 3.62 -19.41
CA GLY B 106 30.32 3.38 -19.34
C GLY B 106 31.04 4.19 -18.28
N TYR B 107 30.36 5.18 -17.69
CA TYR B 107 30.98 6.03 -16.67
C TYR B 107 30.69 5.44 -15.29
N GLU B 108 31.28 4.27 -15.06
CA GLU B 108 31.16 3.60 -13.77
C GLU B 108 31.83 4.45 -12.69
N GLY B 109 31.12 4.69 -11.61
CA GLY B 109 31.65 5.49 -10.53
C GLY B 109 30.52 6.10 -9.72
N GLU B 110 30.91 7.00 -8.82
CA GLU B 110 29.95 7.70 -7.99
C GLU B 110 29.76 9.15 -8.41
N ILE B 111 30.76 9.76 -9.05
CA ILE B 111 30.66 11.14 -9.50
C ILE B 111 31.19 11.23 -10.92
N LEU B 112 30.77 12.27 -11.63
CA LEU B 112 31.23 12.56 -12.97
C LEU B 112 32.12 13.79 -12.85
N SER B 113 33.42 13.56 -12.74
CA SER B 113 34.36 14.64 -12.48
C SER B 113 34.40 15.63 -13.64
N ASN B 114 34.50 16.92 -13.32
CA ASN B 114 34.63 17.95 -14.34
C ASN B 114 35.96 17.81 -15.04
N GLY B 115 35.96 17.25 -16.24
CA GLY B 115 37.17 16.91 -16.95
C GLY B 115 37.32 17.69 -18.26
N ASN B 116 38.45 17.46 -18.92
CA ASN B 116 38.75 18.10 -20.18
C ASN B 116 38.21 17.34 -21.39
N ASP B 117 37.76 16.11 -21.19
CA ASP B 117 37.29 15.30 -22.31
C ASP B 117 36.00 15.86 -22.88
N GLN B 118 35.83 15.70 -24.19
CA GLN B 118 34.69 16.30 -24.87
C GLN B 118 33.37 15.67 -24.43
N ARG B 119 33.40 14.38 -24.05
CA ARG B 119 32.16 13.73 -23.63
C ARG B 119 31.62 14.35 -22.36
N SER B 120 32.51 14.70 -21.42
CA SER B 120 32.05 15.27 -20.16
C SER B 120 31.38 16.63 -20.37
N VAL B 121 32.00 17.49 -21.17
CA VAL B 121 31.40 18.79 -21.42
C VAL B 121 30.13 18.63 -22.23
N ASN B 122 30.08 17.65 -23.14
CA ASN B 122 28.86 17.38 -23.89
C ASN B 122 27.72 16.97 -22.95
N ILE B 123 28.02 16.10 -21.98
CA ILE B 123 27.00 15.68 -21.02
C ILE B 123 26.53 16.87 -20.19
N ARG B 124 27.48 17.68 -19.72
CA ARG B 124 27.11 18.85 -18.94
C ARG B 124 26.31 19.85 -19.76
N GLY B 125 26.49 19.83 -21.08
CA GLY B 125 25.71 20.73 -21.92
C GLY B 125 24.34 20.18 -22.29
N ARG B 126 24.17 18.87 -22.23
CA ARG B 126 22.88 18.27 -22.60
C ARG B 126 21.98 17.94 -21.41
N LEU B 127 22.53 17.89 -20.21
CA LEU B 127 21.81 17.32 -19.08
C LEU B 127 20.54 18.11 -18.74
N PHE B 128 20.66 19.43 -18.60
CA PHE B 128 19.52 20.22 -18.16
C PHE B 128 18.35 20.09 -19.13
N GLU B 129 18.63 20.20 -20.43
CA GLU B 129 17.58 20.06 -21.42
C GLU B 129 17.03 18.65 -21.45
N ARG B 130 17.85 17.65 -21.08
CA ARG B 130 17.32 16.30 -20.96
C ARG B 130 16.30 16.22 -19.83
N PHE B 131 16.57 16.89 -18.70
CA PHE B 131 15.70 16.72 -17.55
C PHE B 131 14.45 17.60 -17.60
N PHE B 132 14.58 18.83 -18.11
CA PHE B 132 13.47 19.77 -18.10
C PHE B 132 13.17 20.24 -19.51
N VAL B 133 11.89 20.31 -19.84
CA VAL B 133 11.40 20.74 -21.13
C VAL B 133 10.53 21.96 -20.94
N LEU B 134 10.85 23.05 -21.64
CA LEU B 134 10.09 24.27 -21.48
C LEU B 134 8.68 24.08 -22.03
N LEU B 135 7.69 24.50 -21.24
CA LEU B 135 6.30 24.48 -21.66
C LEU B 135 5.74 25.87 -21.88
N HIS B 136 5.88 26.77 -20.90
CA HIS B 136 5.25 28.07 -21.03
C HIS B 136 6.19 29.17 -20.55
N ILE B 137 6.07 30.32 -21.17
CA ILE B 137 6.72 31.54 -20.71
C ILE B 137 5.64 32.62 -20.68
N THR B 138 5.11 32.89 -19.48
CA THR B 138 3.97 33.77 -19.31
C THR B 138 4.43 35.09 -18.73
N ASN B 139 4.19 36.18 -19.45
CA ASN B 139 4.54 37.52 -18.98
C ASN B 139 3.38 38.03 -18.13
N VAL B 140 3.59 38.04 -16.81
CA VAL B 140 2.54 38.48 -15.91
C VAL B 140 2.81 39.88 -15.35
N ALA B 141 4.08 40.23 -15.14
CA ALA B 141 4.40 41.49 -14.51
C ALA B 141 4.17 42.66 -15.47
N ALA B 142 3.74 43.78 -14.91
CA ALA B 142 3.47 44.99 -15.69
C ALA B 142 3.71 46.20 -14.79
N ASN B 143 3.59 47.38 -15.39
CA ASN B 143 3.73 48.65 -14.67
C ASN B 143 5.09 48.79 -14.00
N GLY B 144 6.10 48.12 -14.54
CA GLY B 144 7.42 48.15 -13.97
C GLY B 144 7.62 47.24 -12.77
N GLU B 145 6.62 46.44 -12.40
CA GLU B 145 6.76 45.53 -11.29
C GLU B 145 7.62 44.33 -11.68
N HIS B 146 8.23 43.70 -10.66
CA HIS B 146 9.06 42.53 -10.85
C HIS B 146 8.53 41.38 -10.00
N LEU B 147 8.57 40.17 -10.56
CA LEU B 147 8.19 38.99 -9.81
C LEU B 147 9.15 38.77 -8.65
N ASN B 148 8.62 38.27 -7.54
CA ASN B 148 9.46 37.92 -6.41
C ASN B 148 10.03 36.52 -6.60
N ARG B 149 11.35 36.40 -6.37
CA ARG B 149 12.03 35.15 -6.61
C ARG B 149 11.51 34.04 -5.71
N GLU B 150 11.26 34.36 -4.44
CA GLU B 150 10.93 33.37 -3.43
C GLU B 150 9.44 33.16 -3.23
N CYS B 151 8.59 33.91 -3.91
CA CYS B 151 7.14 33.78 -3.73
C CYS B 151 6.61 32.71 -4.68
N SER B 152 6.13 31.60 -4.11
CA SER B 152 5.51 30.55 -4.92
C SER B 152 4.64 29.70 -4.00
N LEU B 153 3.35 29.64 -4.30
CA LEU B 153 2.42 28.78 -3.59
C LEU B 153 1.69 27.91 -4.61
N PHE B 154 1.29 26.72 -4.18
CA PHE B 154 0.61 25.79 -5.07
C PHE B 154 -0.74 25.43 -4.48
N THR B 155 -1.72 25.27 -5.36
CA THR B 155 -3.06 24.86 -4.95
C THR B 155 -3.11 23.37 -4.66
N ASP B 156 -4.17 22.95 -3.97
CA ASP B 156 -4.29 21.55 -3.56
C ASP B 156 -4.42 20.62 -4.75
N ASP B 157 -5.15 21.03 -5.78
CA ASP B 157 -5.22 20.27 -7.01
C ASP B 157 -3.97 20.41 -7.86
N CYS B 158 -3.03 21.27 -7.46
CA CYS B 158 -1.80 21.55 -8.18
C CYS B 158 -2.07 22.07 -9.58
N ARG B 159 -3.28 22.57 -9.82
CA ARG B 159 -3.64 23.04 -11.14
C ARG B 159 -3.08 24.44 -11.40
N CYS B 160 -2.81 25.21 -10.35
CA CYS B 160 -2.34 26.58 -10.50
C CYS B 160 -1.27 26.88 -9.47
N VAL B 161 -0.60 28.01 -9.68
CA VAL B 161 0.45 28.50 -8.79
C VAL B 161 0.18 29.96 -8.50
N ILE B 162 0.50 30.37 -7.28
CA ILE B 162 0.29 31.73 -6.83
C ILE B 162 1.63 32.44 -6.82
N VAL B 163 1.72 33.58 -7.54
CA VAL B 163 2.95 34.35 -7.61
C VAL B 163 2.63 35.79 -7.27
N GLY B 164 3.68 36.56 -7.00
CA GLY B 164 3.52 37.94 -6.61
C GLY B 164 4.56 38.83 -7.28
N SER B 165 4.27 40.13 -7.28
CA SER B 165 5.16 41.11 -7.85
C SER B 165 5.05 42.40 -7.06
N ALA B 166 6.11 43.21 -7.11
CA ALA B 166 6.14 44.48 -6.40
C ALA B 166 6.36 45.65 -7.35
N SER B 193 11.40 51.40 5.55
CA SER B 193 11.11 50.48 4.47
C SER B 193 10.17 51.10 3.44
N PRO B 194 10.63 51.19 2.20
CA PRO B 194 9.79 51.79 1.14
C PRO B 194 8.55 50.95 0.85
N LEU B 195 7.51 51.63 0.39
CA LEU B 195 6.24 51.01 0.05
C LEU B 195 5.99 51.13 -1.44
N GLU B 196 5.36 50.11 -2.02
CA GLU B 196 5.10 50.08 -3.44
C GLU B 196 3.79 49.33 -3.69
N ASP B 197 3.31 49.42 -4.93
CA ASP B 197 2.12 48.70 -5.35
C ASP B 197 2.47 47.23 -5.51
N TYR B 198 1.74 46.37 -4.83
CA TYR B 198 1.96 44.93 -4.90
C TYR B 198 0.85 44.29 -5.72
N SER B 199 1.17 43.15 -6.34
CA SER B 199 0.21 42.44 -7.16
C SER B 199 0.35 40.95 -6.92
N LEU B 200 -0.78 40.27 -6.91
CA LEU B 200 -0.83 38.83 -6.74
C LEU B 200 -1.52 38.22 -7.95
N HIS B 201 -0.98 37.11 -8.44
CA HIS B 201 -1.50 36.44 -9.62
C HIS B 201 -1.64 34.96 -9.35
N ILE B 202 -2.58 34.33 -10.04
CA ILE B 202 -2.72 32.89 -10.07
C ILE B 202 -2.60 32.44 -11.52
N ILE B 203 -1.73 31.47 -11.75
CA ILE B 203 -1.39 31.04 -13.11
C ILE B 203 -1.67 29.55 -13.23
N ASP B 204 -2.43 29.18 -14.26
CA ASP B 204 -2.66 27.78 -14.55
C ASP B 204 -1.37 27.16 -15.08
N LEU B 205 -0.94 26.07 -14.45
CA LEU B 205 0.33 25.47 -14.86
C LEU B 205 0.18 24.65 -16.14
N HIS B 206 -0.93 23.94 -16.29
CA HIS B 206 -1.11 23.09 -17.47
C HIS B 206 -1.15 23.91 -18.75
N THR B 207 -1.87 25.02 -18.74
CA THR B 207 -2.09 25.80 -19.95
C THR B 207 -1.28 27.08 -20.00
N GLY B 208 -0.82 27.58 -18.87
CA GLY B 208 -0.02 28.79 -18.85
C GLY B 208 -0.78 30.08 -18.85
N ARG B 209 -2.12 30.03 -18.88
CA ARG B 209 -2.90 31.25 -18.97
C ARG B 209 -3.06 31.89 -17.60
N LEU B 210 -2.83 33.20 -17.53
CA LEU B 210 -3.05 33.95 -16.31
C LEU B 210 -4.54 33.93 -15.98
N CYS B 211 -4.88 33.49 -14.77
CA CYS B 211 -6.27 33.29 -14.40
C CYS B 211 -6.85 34.51 -13.70
N ASP B 212 -6.24 34.93 -12.59
CA ASP B 212 -6.76 36.05 -11.82
C ASP B 212 -5.61 36.80 -11.19
N THR B 213 -5.90 38.05 -10.80
CA THR B 213 -4.88 38.95 -10.26
C THR B 213 -5.55 39.99 -9.38
N ARG B 214 -4.97 40.25 -8.22
CA ARG B 214 -5.38 41.33 -7.35
C ARG B 214 -4.23 42.33 -7.22
N THR B 215 -4.59 43.57 -6.92
CA THR B 215 -3.62 44.65 -6.78
C THR B 215 -3.83 45.37 -5.46
N PHE B 216 -2.75 45.96 -4.96
CA PHE B 216 -2.76 46.68 -3.69
C PHE B 216 -1.87 47.91 -3.83
N LYS B 217 -2.49 49.08 -3.91
CA LYS B 217 -1.75 50.31 -4.19
C LYS B 217 -0.68 50.58 -3.15
N CYS B 218 -1.03 50.45 -1.87
CA CYS B 218 -0.09 50.62 -0.78
C CYS B 218 -0.06 49.33 0.02
N ASP B 219 0.99 48.54 -0.17
CA ASP B 219 1.07 47.24 0.48
C ASP B 219 2.52 46.96 0.88
N LYS B 220 2.66 46.25 2.00
CA LYS B 220 3.97 45.81 2.47
C LYS B 220 3.80 44.37 2.94
N VAL B 221 4.09 43.44 2.05
CA VAL B 221 3.98 42.02 2.31
C VAL B 221 5.36 41.39 2.16
N VAL B 222 5.68 40.48 3.07
CA VAL B 222 6.97 39.78 2.98
C VAL B 222 6.79 38.61 2.04
N LEU B 223 6.90 38.87 0.74
CA LEU B 223 6.66 37.85 -0.26
C LEU B 223 7.75 36.79 -0.29
N SER B 224 8.91 37.08 0.30
CA SER B 224 10.03 36.14 0.27
C SER B 224 9.77 34.96 1.19
N HIS B 225 10.04 33.76 0.66
CA HIS B 225 9.91 32.51 1.42
C HIS B 225 8.49 32.29 1.95
N ASN B 226 7.50 32.83 1.24
CA ASN B 226 6.09 32.68 1.61
C ASN B 226 5.84 33.12 3.05
N GLN B 227 6.45 34.25 3.43
CA GLN B 227 6.29 34.71 4.81
C GLN B 227 4.96 35.41 5.02
N GLY B 228 4.61 36.34 4.16
CA GLY B 228 3.37 37.07 4.26
C GLY B 228 2.18 36.39 3.62
N LEU B 229 2.35 35.15 3.16
CA LEU B 229 1.32 34.42 2.45
C LEU B 229 1.10 33.08 3.12
N TYR B 230 -0.15 32.63 3.18
CA TYR B 230 -0.40 31.27 3.65
C TYR B 230 -1.53 30.65 2.85
N LEU B 231 -1.41 29.34 2.62
CA LEU B 231 -2.40 28.58 1.89
C LEU B 231 -2.72 27.30 2.66
N TYR B 232 -4.00 27.03 2.84
CA TYR B 232 -4.44 25.81 3.50
C TYR B 232 -5.82 25.49 2.95
N LYS B 233 -5.94 24.37 2.25
CA LYS B 233 -7.21 23.85 1.76
C LYS B 233 -7.99 24.95 1.03
N ASN B 234 -7.41 25.40 -0.08
CA ASN B 234 -7.94 26.44 -0.95
C ASN B 234 -8.26 27.73 -0.19
N ILE B 235 -7.76 27.88 1.03
CA ILE B 235 -7.90 29.12 1.78
C ILE B 235 -6.57 29.87 1.71
N LEU B 236 -6.60 31.03 1.06
CA LEU B 236 -5.42 31.86 0.88
C LEU B 236 -5.54 33.10 1.75
N ALA B 237 -4.51 33.36 2.54
CA ALA B 237 -4.46 34.50 3.43
C ALA B 237 -3.24 35.34 3.08
N ILE B 238 -3.46 36.63 2.87
CA ILE B 238 -2.40 37.59 2.59
C ILE B 238 -2.24 38.50 3.79
N LEU B 239 -1.01 38.86 4.09
CA LEU B 239 -0.67 39.54 5.33
C LEU B 239 -0.04 40.89 5.00
N SER B 240 -0.81 41.96 5.19
CA SER B 240 -0.34 43.32 4.91
C SER B 240 0.18 43.92 6.21
N VAL B 241 1.50 43.96 6.36
CA VAL B 241 2.09 44.42 7.61
C VAL B 241 1.90 45.92 7.78
N GLN B 242 2.08 46.68 6.70
CA GLN B 242 1.98 48.14 6.80
C GLN B 242 0.57 48.58 7.19
N GLN B 243 -0.44 47.96 6.58
CA GLN B 243 -1.83 48.29 6.87
C GLN B 243 -2.38 47.50 8.06
N GLN B 244 -1.56 46.67 8.69
CA GLN B 244 -1.95 45.91 9.88
C GLN B 244 -3.17 45.04 9.59
N THR B 245 -3.15 44.38 8.44
CA THR B 245 -4.33 43.73 7.88
C THR B 245 -4.04 42.28 7.54
N ILE B 246 -5.05 41.44 7.70
CA ILE B 246 -5.05 40.07 7.18
C ILE B 246 -6.28 39.91 6.29
N HIS B 247 -6.06 39.49 5.05
CA HIS B 247 -7.11 39.39 4.05
C HIS B 247 -7.25 37.94 3.61
N VAL B 248 -8.49 37.49 3.43
CA VAL B 248 -8.76 36.08 3.19
C VAL B 248 -9.54 35.92 1.91
N PHE B 249 -9.22 34.85 1.18
CA PHE B 249 -9.97 34.42 0.02
C PHE B 249 -10.01 32.90 0.01
N GLN B 250 -11.01 32.35 -0.65
CA GLN B 250 -10.93 30.99 -1.13
C GLN B 250 -10.65 31.03 -2.62
N VAL B 251 -9.96 30.03 -3.09
CA VAL B 251 -9.71 29.89 -4.52
C VAL B 251 -10.61 28.80 -5.06
N THR B 252 -11.15 29.06 -6.21
CA THR B 252 -11.97 28.11 -6.96
C THR B 252 -11.09 27.10 -7.68
N PRO B 253 -11.62 25.91 -7.95
CA PRO B 253 -10.88 24.96 -8.80
C PRO B 253 -10.57 25.52 -10.18
N GLU B 254 -11.40 26.43 -10.68
CA GLU B 254 -11.11 27.07 -11.96
C GLU B 254 -10.15 28.24 -11.83
N GLY B 255 -9.82 28.66 -10.61
CA GLY B 255 -8.75 29.64 -10.41
C GLY B 255 -9.15 31.10 -10.35
N THR B 256 -10.07 31.45 -9.46
CA THR B 256 -10.45 32.84 -9.26
C THR B 256 -10.52 33.16 -7.78
N PHE B 257 -10.35 34.44 -7.47
CA PHE B 257 -10.37 34.95 -6.10
C PHE B 257 -11.74 35.51 -5.78
N ILE B 258 -12.25 35.17 -4.60
CA ILE B 258 -13.47 35.76 -4.06
C ILE B 258 -13.16 36.22 -2.64
N ASP B 259 -13.55 37.45 -2.32
CA ASP B 259 -13.25 37.99 -1.00
C ASP B 259 -13.97 37.18 0.07
N VAL B 260 -13.29 37.02 1.21
CA VAL B 260 -13.89 36.39 2.38
C VAL B 260 -14.01 37.43 3.47
N ARG B 261 -12.86 37.98 3.91
CA ARG B 261 -12.92 38.99 4.96
C ARG B 261 -11.58 39.70 5.08
N THR B 262 -11.63 40.84 5.76
CA THR B 262 -10.48 41.69 6.06
C THR B 262 -10.47 42.00 7.55
N ILE B 263 -9.34 41.75 8.20
CA ILE B 263 -9.24 41.98 9.63
C ILE B 263 -8.11 42.95 9.92
N LEU B 336 1.68 46.83 20.85
CA LEU B 336 2.21 45.63 20.20
C LEU B 336 1.73 45.58 18.76
N ARG B 337 2.53 44.97 17.89
CA ARG B 337 2.25 44.97 16.46
C ARG B 337 2.44 43.58 15.86
N MET B 338 1.52 43.25 14.96
CA MET B 338 1.61 42.06 14.13
C MET B 338 2.96 41.99 13.41
N TRP B 339 3.56 40.80 13.44
CA TRP B 339 4.80 40.53 12.71
C TRP B 339 4.64 39.46 11.65
N LYS B 340 4.16 38.26 12.01
CA LYS B 340 3.96 37.20 11.05
C LYS B 340 2.62 36.53 11.30
N MET B 341 2.30 35.56 10.44
CA MET B 341 0.98 34.94 10.36
C MET B 341 1.12 33.45 10.11
N GLN B 342 0.12 32.69 10.56
CA GLN B 342 -0.09 31.34 10.08
C GLN B 342 -1.56 31.01 10.24
N LEU B 343 -2.02 30.02 9.50
CA LEU B 343 -3.43 29.61 9.52
C LEU B 343 -3.55 28.19 10.04
N LEU B 344 -4.13 28.03 11.23
CA LEU B 344 -4.28 26.69 11.77
C LEU B 344 -5.36 25.91 11.05
N ASP B 345 -6.45 26.58 10.67
CA ASP B 345 -7.50 26.03 9.84
C ASP B 345 -8.35 27.18 9.34
N GLU B 346 -9.45 26.86 8.66
CA GLU B 346 -10.31 27.90 8.12
C GLU B 346 -11.03 28.68 9.21
N ASN B 347 -10.83 28.31 10.48
CA ASN B 347 -11.50 28.95 11.60
C ASN B 347 -10.56 29.63 12.58
N HIS B 348 -9.25 29.47 12.44
CA HIS B 348 -8.31 29.99 13.44
C HIS B 348 -7.02 30.48 12.80
N LEU B 349 -6.66 31.72 13.11
CA LEU B 349 -5.39 32.34 12.81
C LEU B 349 -4.43 32.23 13.99
N PHE B 350 -3.14 32.31 13.67
CA PHE B 350 -2.07 32.35 14.67
C PHE B 350 -1.21 33.56 14.28
N ILE B 351 -1.26 34.60 15.10
CA ILE B 351 -0.60 35.86 14.83
C ILE B 351 0.55 36.05 15.81
N LYS B 352 1.52 36.83 15.36
CA LYS B 352 2.68 37.24 16.14
C LYS B 352 2.52 38.70 16.54
N TYR B 353 3.16 39.07 17.64
CA TYR B 353 3.17 40.44 18.10
C TYR B 353 4.50 40.75 18.76
N THR B 354 4.93 42.00 18.63
CA THR B 354 6.21 42.43 19.17
C THR B 354 6.27 43.95 19.31
N SER B 370 8.31 38.50 22.49
CA SER B 370 7.19 38.51 21.57
C SER B 370 6.00 37.76 22.13
N PHE B 371 4.83 37.94 21.53
CA PHE B 371 3.60 37.31 21.97
C PHE B 371 2.96 36.57 20.81
N PHE B 372 2.37 35.42 21.10
CA PHE B 372 1.67 34.62 20.12
C PHE B 372 0.19 34.66 20.46
N VAL B 373 -0.67 34.68 19.45
CA VAL B 373 -2.11 34.71 19.67
C VAL B 373 -2.79 33.75 18.72
N VAL B 374 -3.61 32.86 19.25
CA VAL B 374 -4.51 32.04 18.44
C VAL B 374 -5.90 32.65 18.55
N TYR B 375 -6.49 32.97 17.40
CA TYR B 375 -7.71 33.78 17.35
C TYR B 375 -8.65 33.21 16.31
N ASN B 376 -9.94 33.46 16.49
CA ASN B 376 -10.98 32.99 15.60
C ASN B 376 -11.56 34.17 14.83
N MET B 377 -11.51 34.10 13.50
CA MET B 377 -12.02 35.21 12.70
C MET B 377 -13.50 35.09 12.37
N VAL B 378 -14.13 33.97 12.69
CA VAL B 378 -15.56 33.79 12.48
C VAL B 378 -16.29 34.36 13.67
N THR B 379 -15.84 34.02 14.87
CA THR B 379 -16.45 34.50 16.10
C THR B 379 -15.77 35.76 16.64
N THR B 380 -14.71 36.24 15.98
CA THR B 380 -13.97 37.43 16.39
C THR B 380 -13.54 37.39 17.85
N GLU B 381 -13.24 36.20 18.35
CA GLU B 381 -12.83 36.02 19.74
C GLU B 381 -11.38 35.56 19.81
N VAL B 382 -10.63 36.11 20.76
CA VAL B 382 -9.28 35.63 21.03
C VAL B 382 -9.39 34.29 21.76
N ILE B 383 -8.76 33.27 21.21
CA ILE B 383 -8.81 31.95 21.83
C ILE B 383 -7.72 31.81 22.89
N ALA B 384 -6.49 32.18 22.54
CA ALA B 384 -5.39 32.00 23.49
C ALA B 384 -4.27 32.99 23.18
N VAL B 385 -3.49 33.31 24.22
CA VAL B 385 -2.31 34.15 24.11
C VAL B 385 -1.15 33.44 24.79
N PHE B 386 0.06 33.75 24.35
CA PHE B 386 1.26 33.09 24.85
C PHE B 386 2.43 34.06 24.81
N GLU B 387 3.37 33.87 25.73
CA GLU B 387 4.63 34.59 25.72
C GLU B 387 5.69 33.72 25.04
N ASN B 388 6.63 34.37 24.34
CA ASN B 388 7.56 33.64 23.50
C ASN B 388 8.40 32.63 24.28
N THR B 389 8.57 32.83 25.58
CA THR B 389 9.36 31.92 26.41
C THR B 389 8.50 30.98 27.22
N SER B 390 7.19 30.95 26.99
CA SER B 390 6.29 30.14 27.80
C SER B 390 6.54 28.65 27.59
N ASP B 391 6.37 27.87 28.66
CA ASP B 391 6.69 26.45 28.59
C ASP B 391 5.52 25.62 28.08
N GLU B 392 4.29 25.98 28.45
CA GLU B 392 3.14 25.24 27.93
C GLU B 392 3.01 25.43 26.44
N LEU B 393 3.39 26.61 25.95
CA LEU B 393 3.47 26.82 24.51
C LEU B 393 4.49 25.89 23.88
N LEU B 394 5.65 25.74 24.51
CA LEU B 394 6.68 24.84 23.98
C LEU B 394 6.20 23.40 23.94
N GLU B 395 5.52 22.95 25.00
CA GLU B 395 5.07 21.57 25.00
C GLU B 395 3.94 21.35 24.00
N LEU B 396 3.05 22.33 23.82
CA LEU B 396 2.03 22.18 22.80
C LEU B 396 2.63 22.18 21.40
N PHE B 397 3.68 22.97 21.17
CA PHE B 397 4.41 22.88 19.92
C PHE B 397 5.03 21.51 19.74
N GLU B 398 5.62 20.96 20.80
CA GLU B 398 6.17 19.62 20.70
C GLU B 398 5.09 18.60 20.40
N ASN B 399 3.88 18.83 20.90
CA ASN B 399 2.78 17.89 20.70
C ASN B 399 2.21 17.95 19.29
N PHE B 400 2.15 19.14 18.70
CA PHE B 400 1.43 19.32 17.44
C PHE B 400 2.27 20.10 16.42
N CYS B 401 3.58 19.86 16.42
CA CYS B 401 4.43 20.41 15.36
C CYS B 401 3.99 19.90 14.00
N ASP B 402 3.50 18.66 13.96
CA ASP B 402 2.98 18.13 12.70
C ASP B 402 1.80 18.95 12.21
N LEU B 403 0.84 19.25 13.10
CA LEU B 403 -0.30 20.05 12.71
C LEU B 403 0.13 21.47 12.33
N PHE B 404 1.19 21.97 12.95
CA PHE B 404 1.70 23.29 12.58
C PHE B 404 2.41 23.26 11.24
N ARG B 405 2.92 22.11 10.82
CA ARG B 405 3.74 22.05 9.61
C ARG B 405 2.91 22.02 8.34
N ASN B 406 1.93 21.10 8.27
CA ASN B 406 1.11 20.92 7.07
C ASN B 406 1.99 20.60 5.86
N ALA B 407 2.67 19.45 5.94
CA ALA B 407 3.69 19.12 4.96
C ALA B 407 3.09 18.81 3.59
N THR B 408 2.05 17.98 3.55
CA THR B 408 1.57 17.39 2.31
C THR B 408 0.06 17.51 2.20
N LEU B 409 -0.46 18.73 2.38
CA LEU B 409 -1.90 18.95 2.33
C LEU B 409 -2.51 18.56 0.98
N HIS B 410 -1.71 18.49 -0.07
CA HIS B 410 -2.24 18.26 -1.41
C HIS B 410 -2.80 16.85 -1.61
N SER B 411 -2.82 16.01 -0.59
CA SER B 411 -3.42 14.69 -0.73
C SER B 411 -3.94 14.22 0.61
N GLU B 412 -4.84 13.24 0.55
CA GLU B 412 -5.47 12.70 1.76
C GLU B 412 -4.56 11.75 2.53
N VAL B 413 -3.68 11.02 1.85
CA VAL B 413 -2.72 10.14 2.50
C VAL B 413 -1.41 10.91 2.63
N GLN B 414 -1.02 11.22 3.87
CA GLN B 414 0.13 12.05 4.15
C GLN B 414 1.21 11.24 4.85
N PHE B 415 2.45 11.69 4.70
CA PHE B 415 3.59 11.11 5.41
C PHE B 415 4.47 12.24 5.94
N PRO B 416 4.02 12.93 6.97
CA PRO B 416 4.83 14.02 7.54
C PRO B 416 5.98 13.47 8.37
N CYS B 417 7.03 14.29 8.50
CA CYS B 417 8.16 13.99 9.37
C CYS B 417 8.43 15.23 10.21
N SER B 418 8.29 15.09 11.52
CA SER B 418 8.49 16.21 12.43
C SER B 418 8.71 15.66 13.83
N ALA B 419 9.14 16.54 14.74
CA ALA B 419 9.33 16.16 16.13
C ALA B 419 8.03 15.71 16.78
N SER B 420 6.89 16.12 16.24
CA SER B 420 5.59 15.75 16.77
C SER B 420 5.17 14.34 16.39
N SER B 421 5.87 13.70 15.44
CA SER B 421 5.42 12.42 14.92
C SER B 421 6.50 11.38 14.73
N ASN B 422 7.75 11.65 15.12
CA ASN B 422 8.82 10.68 14.91
C ASN B 422 9.67 10.53 16.16
N ASN B 423 10.15 9.31 16.39
CA ASN B 423 11.02 9.05 17.54
C ASN B 423 12.33 9.82 17.41
N PHE B 424 13.01 9.67 16.28
CA PHE B 424 14.30 10.31 16.11
C PHE B 424 14.17 11.82 16.00
N ALA B 425 13.10 12.29 15.36
CA ALA B 425 12.91 13.74 15.26
C ALA B 425 12.74 14.37 16.63
N ARG B 426 11.93 13.73 17.50
CA ARG B 426 11.78 14.26 18.85
C ARG B 426 13.09 14.11 19.63
N GLN B 427 13.85 13.05 19.35
CA GLN B 427 15.13 12.88 20.04
C GLN B 427 16.09 14.02 19.72
N ILE B 428 16.23 14.34 18.43
CA ILE B 428 17.08 15.47 18.04
C ILE B 428 16.55 16.78 18.60
N GLN B 429 15.23 16.99 18.56
CA GLN B 429 14.71 18.25 19.07
C GLN B 429 14.97 18.39 20.57
N ARG B 430 14.76 17.31 21.34
CA ARG B 430 14.94 17.41 22.79
C ARG B 430 16.41 17.46 23.17
N ARG B 431 17.28 16.80 22.41
CA ARG B 431 18.71 16.90 22.64
C ARG B 431 19.18 18.35 22.44
N PHE B 432 18.59 19.05 21.48
CA PHE B 432 18.84 20.47 21.32
C PHE B 432 18.15 21.23 22.43
N LEU B 455 8.27 29.52 14.99
CA LEU B 455 6.86 29.83 14.85
C LEU B 455 6.65 31.29 14.46
N PRO B 456 5.74 31.55 13.52
CA PRO B 456 4.87 30.60 12.82
C PRO B 456 5.61 29.90 11.68
N ILE B 457 5.06 28.85 11.13
CA ILE B 457 5.72 28.12 10.05
C ILE B 457 5.34 28.75 8.72
N SER B 458 6.34 28.88 7.84
CA SER B 458 6.10 29.39 6.49
C SER B 458 5.30 28.38 5.67
N ALA B 459 4.57 28.90 4.68
CA ALA B 459 3.71 28.07 3.85
C ALA B 459 4.53 27.16 2.94
N GLN B 460 4.18 25.88 2.93
CA GLN B 460 4.76 24.89 2.02
C GLN B 460 6.28 24.79 2.13
N SER B 461 6.84 25.18 3.26
CA SER B 461 8.29 25.27 3.39
C SER B 461 8.96 23.90 3.48
N TYR B 462 8.21 22.84 3.73
CA TYR B 462 8.79 21.52 3.92
C TYR B 462 8.44 20.62 2.75
N SER B 463 9.47 20.12 2.06
CA SER B 463 9.24 19.14 1.01
C SER B 463 8.89 17.79 1.63
N GLY B 464 8.20 16.97 0.84
CA GLY B 464 7.82 15.66 1.32
C GLY B 464 8.76 14.58 0.85
N SER B 465 10.00 14.94 0.55
CA SER B 465 10.93 13.99 -0.04
C SER B 465 11.14 12.81 0.90
N PRO B 466 11.00 11.58 0.43
CA PRO B 466 11.18 10.42 1.32
C PRO B 466 12.60 10.26 1.83
N TYR B 467 13.61 10.75 1.11
CA TYR B 467 14.98 10.62 1.56
C TYR B 467 15.29 11.54 2.73
N LEU B 468 14.51 12.60 2.90
CA LEU B 468 14.63 13.46 4.06
C LEU B 468 13.84 12.94 5.25
N ASP B 469 13.17 11.81 5.11
CA ASP B 469 12.37 11.25 6.20
C ASP B 469 13.28 10.51 7.17
N LEU B 470 13.28 10.95 8.43
CA LEU B 470 14.14 10.35 9.44
C LEU B 470 13.76 8.93 9.78
N SER B 471 12.56 8.49 9.43
CA SER B 471 12.16 7.11 9.66
C SER B 471 12.85 6.15 8.71
N LEU B 472 13.55 6.66 7.70
CA LEU B 472 14.20 5.83 6.69
C LEU B 472 15.69 6.06 6.58
N PHE B 473 16.19 7.25 6.89
CA PHE B 473 17.58 7.56 6.61
C PHE B 473 18.17 8.37 7.74
N SER B 474 19.36 7.95 8.18
CA SER B 474 20.13 8.69 9.16
C SER B 474 21.10 9.59 8.42
N TYR B 475 21.09 10.87 8.77
CA TYR B 475 21.93 11.85 8.11
C TYR B 475 22.16 13.02 9.04
N ASP B 476 23.22 13.79 8.77
CA ASP B 476 23.53 14.94 9.62
C ASP B 476 22.50 16.05 9.39
N ASP B 477 22.03 16.65 10.47
CA ASP B 477 20.93 17.60 10.40
C ASP B 477 21.39 19.03 10.18
N LYS B 478 22.69 19.28 10.19
CA LYS B 478 23.19 20.66 10.20
C LYS B 478 22.87 21.39 8.90
N TRP B 479 23.09 20.73 7.76
CA TRP B 479 22.99 21.44 6.48
C TRP B 479 21.59 21.44 5.89
N VAL B 480 20.98 20.27 5.72
CA VAL B 480 19.66 20.16 5.10
C VAL B 480 18.66 19.69 6.13
N SER B 481 17.49 20.32 6.14
CA SER B 481 16.44 19.97 7.10
C SER B 481 15.75 18.66 6.71
N THR B 488 25.47 28.89 5.51
CA THR B 488 26.40 28.95 4.39
C THR B 488 26.64 27.58 3.78
N CYS B 489 27.69 27.46 2.96
CA CYS B 489 27.99 26.21 2.30
C CYS B 489 28.44 25.16 3.31
N GLY B 490 27.99 23.93 3.11
CA GLY B 490 28.43 22.84 3.96
C GLY B 490 29.91 22.56 3.76
N ASP B 491 30.66 22.56 4.86
CA ASP B 491 32.08 22.29 4.79
C ASP B 491 32.36 20.86 4.35
N HIS B 492 31.36 19.98 4.38
CA HIS B 492 31.49 18.58 4.05
C HIS B 492 30.27 18.12 3.28
N PRO B 493 30.40 17.05 2.49
CA PRO B 493 29.21 16.46 1.88
C PRO B 493 28.30 15.85 2.94
N ILE B 494 27.01 15.83 2.63
CA ILE B 494 26.03 15.21 3.52
C ILE B 494 25.93 13.74 3.17
N ARG B 495 26.15 12.88 4.16
CA ARG B 495 26.07 11.43 3.96
C ARG B 495 24.74 10.93 4.50
N PHE B 496 24.16 9.96 3.80
CA PHE B 496 22.89 9.36 4.18
C PHE B 496 23.12 7.87 4.37
N TYR B 497 22.84 7.39 5.57
CA TYR B 497 22.90 6.00 5.96
C TYR B 497 21.49 5.46 6.18
N ALA B 498 21.37 4.15 6.17
CA ALA B 498 20.08 3.53 6.44
C ALA B 498 19.79 3.57 7.93
N ARG B 499 18.50 3.65 8.27
CA ARG B 499 18.10 3.60 9.67
C ARG B 499 18.15 2.18 10.22
N ASP B 500 17.82 1.19 9.38
CA ASP B 500 17.69 -0.18 9.88
C ASP B 500 19.02 -0.78 10.27
N SER B 501 20.06 -0.56 9.46
CA SER B 501 21.37 -1.15 9.73
C SER B 501 22.49 -0.14 9.91
N GLY B 502 22.28 1.12 9.56
CA GLY B 502 23.29 2.14 9.73
C GLY B 502 24.35 2.18 8.66
N LEU B 503 24.29 1.29 7.67
CA LEU B 503 25.28 1.30 6.60
C LEU B 503 25.14 2.56 5.75
N LEU B 504 26.27 3.02 5.22
CA LEU B 504 26.23 4.17 4.33
C LEU B 504 25.51 3.82 3.04
N LYS B 505 24.62 4.71 2.61
CA LYS B 505 23.83 4.51 1.41
C LYS B 505 24.24 5.46 0.29
N PHE B 506 24.28 6.77 0.54
CA PHE B 506 24.68 7.64 -0.54
C PHE B 506 25.18 8.97 0.00
N GLU B 507 26.12 9.57 -0.72
CA GLU B 507 26.64 10.88 -0.39
C GLU B 507 26.07 11.91 -1.36
N ILE B 508 25.84 13.12 -0.86
CA ILE B 508 25.41 14.23 -1.69
C ILE B 508 26.33 15.40 -1.40
N GLN B 509 26.91 15.97 -2.45
CA GLN B 509 27.91 17.02 -2.30
C GLN B 509 27.66 18.11 -3.32
N ALA B 510 27.47 19.35 -2.85
CA ALA B 510 27.16 20.46 -3.71
C ALA B 510 28.39 21.16 -4.28
N GLY B 511 29.58 20.83 -3.80
CA GLY B 511 30.77 21.56 -4.19
C GLY B 511 31.52 20.92 -5.35
N LEU B 512 32.27 21.76 -6.05
CA LEU B 512 33.15 21.29 -7.11
C LEU B 512 34.27 20.43 -6.53
N LEU B 513 34.71 19.45 -7.30
CA LEU B 513 35.79 18.57 -6.86
C LEU B 513 37.13 19.29 -6.89
N ARG B 522 31.87 33.43 2.28
CA ARG B 522 31.39 32.07 2.04
C ARG B 522 30.32 32.03 0.95
N ARG B 523 30.08 30.84 0.41
CA ARG B 523 29.11 30.64 -0.65
C ARG B 523 27.81 30.11 -0.09
N LEU B 524 26.70 30.70 -0.54
CA LEU B 524 25.38 30.20 -0.19
C LEU B 524 25.11 28.90 -0.93
N VAL B 525 24.42 27.97 -0.28
CA VAL B 525 24.10 26.69 -0.88
C VAL B 525 22.61 26.42 -0.75
N ALA B 526 22.10 25.59 -1.66
CA ALA B 526 20.70 25.20 -1.64
C ALA B 526 20.57 23.80 -2.21
N PHE B 527 19.69 23.00 -1.61
CA PHE B 527 19.47 21.63 -2.03
C PHE B 527 17.99 21.46 -2.34
N THR B 528 17.68 20.89 -3.50
CA THR B 528 16.31 20.61 -3.89
C THR B 528 16.19 19.14 -4.20
N PHE B 529 15.22 18.48 -3.57
CA PHE B 529 14.93 17.08 -3.84
C PHE B 529 13.59 16.97 -4.54
N HIS B 530 13.46 15.96 -5.38
CA HIS B 530 12.15 15.66 -5.92
C HIS B 530 11.25 15.15 -4.80
N PRO B 531 9.96 15.53 -4.83
CA PRO B 531 9.06 15.06 -3.77
C PRO B 531 8.97 13.56 -3.65
N PHE B 532 9.13 12.81 -4.73
CA PHE B 532 9.25 11.37 -4.53
C PHE B 532 10.42 10.75 -5.29
N GLU B 533 10.74 11.25 -6.48
CA GLU B 533 11.70 10.57 -7.34
C GLU B 533 13.11 10.64 -6.76
N PRO B 534 13.97 9.69 -7.12
CA PRO B 534 15.40 9.80 -6.77
C PRO B 534 16.11 10.80 -7.67
N PHE B 535 15.88 12.08 -7.39
CA PHE B 535 16.50 13.15 -8.16
C PHE B 535 16.65 14.36 -7.25
N ALA B 536 17.73 15.10 -7.47
CA ALA B 536 18.00 16.29 -6.68
C ALA B 536 18.91 17.20 -7.47
N ILE B 537 18.81 18.49 -7.17
CA ILE B 537 19.73 19.48 -7.70
C ILE B 537 20.38 20.19 -6.52
N SER B 538 21.62 20.62 -6.71
CA SER B 538 22.32 21.41 -5.72
C SER B 538 22.84 22.68 -6.37
N VAL B 539 22.69 23.79 -5.67
CA VAL B 539 23.04 25.11 -6.19
C VAL B 539 24.03 25.75 -5.23
N GLN B 540 25.13 26.27 -5.76
CA GLN B 540 26.05 27.11 -5.02
C GLN B 540 26.01 28.50 -5.64
N ARG B 541 25.73 29.50 -4.80
CA ARG B 541 25.50 30.87 -5.23
C ARG B 541 26.46 31.79 -4.50
N THR B 542 27.02 32.75 -5.25
CA THR B 542 27.91 33.77 -4.74
C THR B 542 27.33 35.13 -5.11
N ASN B 543 28.14 36.18 -4.94
CA ASN B 543 27.68 37.52 -5.29
C ASN B 543 27.20 37.61 -6.73
N ALA B 544 27.92 36.96 -7.66
CA ALA B 544 27.53 37.03 -9.07
C ALA B 544 27.61 35.70 -9.82
N GLU B 545 28.09 34.62 -9.23
CA GLU B 545 28.31 33.38 -9.95
C GLU B 545 27.47 32.26 -9.36
N TYR B 546 26.89 31.44 -10.24
CA TYR B 546 26.11 30.29 -9.86
C TYR B 546 26.81 29.03 -10.35
N VAL B 547 26.55 27.92 -9.66
CA VAL B 547 26.96 26.61 -10.15
C VAL B 547 25.95 25.59 -9.67
N VAL B 548 25.50 24.73 -10.58
CA VAL B 548 24.48 23.74 -10.28
C VAL B 548 25.02 22.36 -10.59
N ASN B 549 24.63 21.39 -9.76
CA ASN B 549 25.00 19.99 -9.96
C ASN B 549 23.76 19.13 -9.84
N PHE B 550 23.77 18.00 -10.53
CA PHE B 550 22.62 17.11 -10.57
C PHE B 550 22.97 15.81 -9.87
N HIS B 551 22.17 15.45 -8.86
CA HIS B 551 22.29 14.16 -8.20
C HIS B 551 21.11 13.30 -8.65
N MET B 552 21.42 12.11 -9.13
CA MET B 552 20.39 11.27 -9.72
C MET B 552 20.82 9.82 -9.61
N ARG B 553 19.83 8.94 -9.70
CA ARG B 553 20.11 7.52 -9.74
C ARG B 553 20.85 7.17 -11.01
N HIS B 554 21.84 6.30 -10.90
CA HIS B 554 22.57 5.88 -12.09
C HIS B 554 23.09 4.46 -11.88
N CYS B 555 22.99 3.66 -12.93
CA CYS B 555 23.56 2.33 -12.95
C CYS B 555 24.31 2.14 -14.26
N CYS B 556 25.33 1.30 -14.24
CA CYS B 556 26.04 0.90 -15.44
C CYS B 556 25.71 -0.55 -15.75
N THR B 557 25.33 -0.81 -16.99
CA THR B 557 24.86 -2.13 -17.38
C THR B 557 25.60 -2.60 -18.62
N ALA C 2 -0.53 -35.81 28.49
CA ALA C 2 -0.57 -34.35 28.52
C ALA C 2 -1.65 -33.87 29.49
N ASP C 3 -1.22 -33.47 30.69
CA ASP C 3 -2.16 -33.02 31.71
C ASP C 3 -2.72 -31.64 31.42
N PHE C 4 -2.17 -30.93 30.44
CA PHE C 4 -2.57 -29.56 30.15
C PHE C 4 -3.68 -29.45 29.11
N LEU C 5 -4.21 -30.58 28.64
CA LEU C 5 -5.22 -30.57 27.58
C LEU C 5 -6.55 -31.18 28.00
N LYS C 6 -6.67 -31.69 29.22
CA LYS C 6 -7.97 -32.12 29.70
C LYS C 6 -8.82 -30.92 30.09
N GLY C 7 -10.13 -31.12 30.09
CA GLY C 7 -11.04 -30.08 30.50
C GLY C 7 -11.05 -28.88 29.58
N LEU C 8 -10.94 -29.10 28.28
CA LEU C 8 -11.06 -28.02 27.32
C LEU C 8 -12.47 -27.45 27.35
N PRO C 9 -12.61 -26.13 27.23
CA PRO C 9 -13.94 -25.51 27.41
C PRO C 9 -14.96 -26.07 26.45
N VAL C 10 -16.17 -26.27 26.96
CA VAL C 10 -17.27 -26.85 26.22
C VAL C 10 -18.47 -25.93 26.35
N TYR C 11 -19.07 -25.54 25.23
CA TYR C 11 -20.30 -24.78 25.22
C TYR C 11 -21.51 -25.71 25.12
N ASN C 12 -21.55 -26.53 24.09
CA ASN C 12 -22.54 -27.59 23.95
C ASN C 12 -21.80 -28.90 23.75
N LYS C 13 -22.17 -29.92 24.52
CA LYS C 13 -21.49 -31.20 24.43
C LYS C 13 -21.69 -31.86 23.08
N SER C 14 -22.65 -31.40 22.29
CA SER C 14 -22.96 -31.99 21.00
C SER C 14 -22.28 -31.32 19.83
N ASN C 15 -21.59 -30.19 20.05
CA ASN C 15 -20.98 -29.48 18.95
C ASN C 15 -19.83 -30.29 18.35
N PHE C 16 -19.79 -30.33 17.03
CA PHE C 16 -18.80 -31.07 16.24
C PHE C 16 -18.81 -32.57 16.51
N SER C 17 -19.81 -33.06 17.26
CA SER C 17 -19.86 -34.49 17.56
C SER C 17 -20.42 -35.31 16.41
N ARG C 18 -21.01 -34.68 15.40
CA ARG C 18 -21.49 -35.35 14.21
C ARG C 18 -20.84 -34.77 12.96
N PHE C 19 -19.57 -34.37 13.08
CA PHE C 19 -18.88 -33.71 11.99
C PHE C 19 -18.56 -34.69 10.87
N HIS C 20 -18.71 -34.22 9.64
CA HIS C 20 -18.28 -34.94 8.45
C HIS C 20 -17.49 -33.99 7.56
N ALA C 21 -16.41 -34.50 6.97
CA ALA C 21 -15.57 -33.70 6.10
C ALA C 21 -16.32 -33.27 4.85
N PRO C 32 -22.75 -20.78 1.00
CA PRO C 32 -23.56 -19.84 1.77
C PRO C 32 -24.32 -18.86 0.87
N SER C 33 -25.48 -18.40 1.34
CA SER C 33 -26.32 -17.50 0.56
C SER C 33 -25.86 -16.07 0.74
N VAL C 34 -25.72 -15.36 -0.37
CA VAL C 34 -25.27 -13.97 -0.32
C VAL C 34 -26.44 -13.09 0.10
N TYR C 35 -26.17 -12.16 1.00
CA TYR C 35 -27.17 -11.25 1.54
C TYR C 35 -27.25 -10.02 0.65
N LEU C 36 -28.43 -9.78 0.08
CA LEU C 36 -28.67 -8.65 -0.81
C LEU C 36 -29.69 -7.72 -0.15
N PRO C 37 -29.24 -6.68 0.53
CA PRO C 37 -30.16 -5.80 1.28
C PRO C 37 -30.94 -4.90 0.33
N THR C 38 -32.25 -4.81 0.56
CA THR C 38 -33.13 -4.02 -0.29
C THR C 38 -34.04 -3.09 0.52
N ARG C 39 -34.40 -3.46 1.74
CA ARG C 39 -35.28 -2.64 2.57
C ARG C 39 -34.46 -1.51 3.20
N GLU C 40 -34.91 -0.28 3.00
CA GLU C 40 -34.26 0.90 3.56
C GLU C 40 -34.60 0.99 5.04
N TYR C 41 -33.64 0.61 5.88
CA TYR C 41 -33.80 0.71 7.32
C TYR C 41 -32.94 1.87 7.82
N PRO C 42 -33.53 2.97 8.26
CA PRO C 42 -32.72 4.14 8.63
C PRO C 42 -31.89 3.86 9.88
N SER C 43 -30.61 4.20 9.81
CA SER C 43 -29.71 4.00 10.93
C SER C 43 -30.07 4.92 12.09
N GLU C 44 -30.01 4.38 13.30
CA GLU C 44 -30.43 5.13 14.47
C GLU C 44 -29.38 6.15 14.90
N GLN C 45 -28.10 5.81 14.74
CA GLN C 45 -27.02 6.72 15.11
C GLN C 45 -26.02 6.80 13.97
N ILE C 46 -25.25 7.89 13.99
CA ILE C 46 -24.18 8.11 13.02
C ILE C 46 -22.91 8.44 13.77
N ILE C 47 -21.80 7.86 13.30
CA ILE C 47 -20.50 8.00 13.94
C ILE C 47 -19.80 9.20 13.31
N VAL C 48 -19.95 10.36 13.92
CA VAL C 48 -19.29 11.56 13.44
C VAL C 48 -18.05 11.80 14.30
N THR C 49 -17.00 12.30 13.68
CA THR C 49 -15.79 12.66 14.41
C THR C 49 -15.85 14.11 14.82
N GLU C 50 -15.00 14.46 15.78
CA GLU C 50 -14.84 15.84 16.18
C GLU C 50 -14.33 16.63 14.98
N LYS C 51 -15.14 17.56 14.49
CA LYS C 51 -14.80 18.26 13.26
C LYS C 51 -13.49 19.03 13.40
N THR C 52 -13.33 19.76 14.50
CA THR C 52 -12.12 20.53 14.71
C THR C 52 -10.99 19.63 15.15
N ASN C 53 -9.77 19.95 14.70
CA ASN C 53 -8.63 19.08 14.97
C ASN C 53 -8.24 19.11 16.45
N ILE C 54 -7.34 18.20 16.79
CA ILE C 54 -6.99 17.97 18.19
C ILE C 54 -6.37 19.20 18.81
N LEU C 55 -5.51 19.91 18.07
CA LEU C 55 -4.84 21.09 18.60
C LEU C 55 -5.85 22.16 19.01
N LEU C 56 -6.77 22.49 18.11
CA LEU C 56 -7.74 23.54 18.40
C LEU C 56 -8.74 23.08 19.44
N ARG C 57 -9.10 21.80 19.43
CA ARG C 57 -9.96 21.27 20.48
C ARG C 57 -9.30 21.40 21.85
N TYR C 58 -8.01 21.10 21.92
CA TYR C 58 -7.27 21.27 23.15
C TYR C 58 -7.22 22.73 23.56
N LEU C 59 -7.04 23.63 22.60
CA LEU C 59 -7.03 25.05 22.91
C LEU C 59 -8.38 25.49 23.48
N HIS C 60 -9.47 25.03 22.90
CA HIS C 60 -10.80 25.36 23.41
C HIS C 60 -11.00 24.80 24.81
N GLN C 61 -10.55 23.56 25.04
CA GLN C 61 -10.67 22.96 26.37
C GLN C 61 -9.90 23.77 27.40
N GLN C 62 -8.67 24.18 27.04
CA GLN C 62 -7.87 24.98 27.97
C GLN C 62 -8.47 26.36 28.18
N TRP C 63 -9.21 26.86 27.19
CA TRP C 63 -9.89 28.15 27.37
C TRP C 63 -10.94 28.07 28.46
N ASP C 64 -11.52 26.89 28.66
CA ASP C 64 -12.54 26.69 29.69
C ASP C 64 -11.92 26.73 31.09
#